data_4CE5
#
_entry.id   4CE5
#
_cell.length_a   105.670
_cell.length_b   135.310
_cell.length_c   116.410
_cell.angle_alpha   90.00
_cell.angle_beta   90.00
_cell.angle_gamma   90.00
#
_symmetry.space_group_name_H-M   'C 2 2 21'
#
loop_
_entity.id
_entity.type
_entity.pdbx_description
1 polymer AT-OMEGATA
2 non-polymer "PYRIDOXAL-5'-PHOSPHATE"
3 non-polymer 'N-({3-HYDROXY-2-METHYL-5-[(PHOSPHONOOXY)METHYL]PYRIDIN-4-YL}METHYL)-D-GLUTAMIC ACID'
4 non-polymer 'CHLORIDE ION'
5 non-polymer 'CALCIUM ION'
6 water water
#
_entity_poly.entity_id   1
_entity_poly.type   'polypeptide(L)'
_entity_poly.pdbx_seq_one_letter_code
;MASMDKVFAGYAARQAILESTETTNPFAKGIAWVEGELVPLAEARIPLLDQGFMHSDLTYDVPSVWDGRFFRLDDHITRL
EASCTKLRLRLPLPRDQVKQILVEMVAKSGIRDAFVELIVTRGLKGVRGTRPEDIVNNLYMFVQPYVWVMEPDMQRVGGS
AVVARTVRRVPPGAIDPTVKNLQWGDLVRGMFEAADRGATYPFLTDGDAHLTEGSGFNIVLVKDGVLYTPDRGVLQGVTR
KSVINAAEAFGIEVRVEFVPVELAYRCDEIFMCTTAGGIMPITTLDGMPVNGGQIGPITKKIWDGYWAMHYDAAYSFEID
YNERNLEHHHHHH
;
_entity_poly.pdbx_strand_id   A,B
#
# COMPACT_ATOMS: atom_id res chain seq x y z
N MET A 1 -28.19 -14.05 -27.06
CA MET A 1 -27.27 -13.39 -26.15
C MET A 1 -27.95 -13.04 -24.82
N ALA A 2 -28.36 -14.06 -24.06
CA ALA A 2 -29.16 -13.81 -22.86
C ALA A 2 -29.06 -14.87 -21.76
N SER A 3 -27.88 -14.99 -21.14
CA SER A 3 -27.71 -15.94 -20.05
C SER A 3 -27.89 -15.31 -18.67
N MET A 4 -28.11 -14.00 -18.61
CA MET A 4 -28.14 -13.31 -17.33
C MET A 4 -29.21 -13.86 -16.40
N ASP A 5 -30.41 -14.09 -16.92
CA ASP A 5 -31.50 -14.61 -16.08
C ASP A 5 -31.11 -15.91 -15.39
N LYS A 6 -30.60 -16.86 -16.17
CA LYS A 6 -30.26 -18.17 -15.62
C LYS A 6 -29.08 -18.09 -14.68
N VAL A 7 -28.07 -17.30 -15.05
CA VAL A 7 -26.90 -17.19 -14.21
C VAL A 7 -27.26 -16.56 -12.86
N PHE A 8 -27.99 -15.45 -12.89
CA PHE A 8 -28.32 -14.75 -11.65
C PHE A 8 -29.38 -15.50 -10.82
N ALA A 9 -30.29 -16.20 -11.49
CA ALA A 9 -31.29 -16.98 -10.76
C ALA A 9 -30.63 -18.13 -10.02
N GLY A 10 -29.63 -18.75 -10.65
CA GLY A 10 -28.91 -19.85 -10.03
C GLY A 10 -28.19 -19.35 -8.80
N TYR A 11 -27.53 -18.21 -8.93
CA TYR A 11 -26.83 -17.58 -7.82
C TYR A 11 -27.78 -17.27 -6.67
N ALA A 12 -28.91 -16.65 -6.99
CA ALA A 12 -29.92 -16.34 -5.97
C ALA A 12 -30.34 -17.59 -5.22
N ALA A 13 -30.59 -18.68 -5.96
CA ALA A 13 -31.02 -19.93 -5.34
C ALA A 13 -29.95 -20.46 -4.40
N ARG A 14 -28.70 -20.40 -4.83
CA ARG A 14 -27.60 -20.90 -4.00
C ARG A 14 -27.39 -19.99 -2.79
N GLN A 15 -27.61 -18.69 -2.97
CA GLN A 15 -27.47 -17.74 -1.85
C GLN A 15 -28.46 -18.02 -0.74
N ALA A 16 -29.70 -18.37 -1.11
CA ALA A 16 -30.73 -18.65 -0.12
C ALA A 16 -30.33 -19.88 0.70
N ILE A 17 -29.80 -20.89 0.01
CA ILE A 17 -29.34 -22.10 0.68
C ILE A 17 -28.18 -21.81 1.60
N LEU A 18 -27.23 -21.01 1.13
CA LEU A 18 -26.09 -20.62 1.96
C LEU A 18 -26.54 -19.88 3.22
N GLU A 19 -27.46 -18.94 3.04
CA GLU A 19 -27.96 -18.14 4.16
C GLU A 19 -28.58 -19.04 5.22
N SER A 20 -29.26 -20.09 4.78
CA SER A 20 -29.92 -21.00 5.71
C SER A 20 -28.93 -21.82 6.54
N THR A 21 -27.66 -21.77 6.19
CA THR A 21 -26.65 -22.54 6.92
C THR A 21 -25.89 -21.73 7.97
N GLU A 22 -26.10 -20.42 7.99
CA GLU A 22 -25.24 -19.54 8.76
C GLU A 22 -25.36 -19.73 10.28
N THR A 23 -26.54 -20.09 10.76
CA THR A 23 -26.73 -20.28 12.19
C THR A 23 -26.10 -21.58 12.69
N THR A 24 -25.71 -22.46 11.76
CA THR A 24 -25.16 -23.76 12.13
C THR A 24 -23.73 -23.99 11.61
N ASN A 25 -23.32 -23.21 10.60
CA ASN A 25 -21.95 -23.29 10.10
C ASN A 25 -21.23 -21.97 10.35
N PRO A 26 -20.28 -21.97 11.29
CA PRO A 26 -19.55 -20.75 11.66
C PRO A 26 -18.65 -20.24 10.54
N PHE A 27 -18.47 -21.03 9.48
CA PHE A 27 -17.63 -20.65 8.35
C PHE A 27 -18.43 -20.18 7.14
N ALA A 28 -19.76 -20.17 7.26
CA ALA A 28 -20.62 -19.87 6.12
C ALA A 28 -20.49 -18.42 5.66
N LYS A 29 -20.09 -17.53 6.56
CA LYS A 29 -19.84 -16.13 6.17
C LYS A 29 -18.39 -15.89 5.77
N GLY A 30 -17.62 -16.97 5.70
CA GLY A 30 -16.22 -16.85 5.32
C GLY A 30 -15.27 -17.55 6.26
N ILE A 31 -14.12 -17.94 5.71
CA ILE A 31 -13.13 -18.70 6.46
C ILE A 31 -11.74 -18.20 6.09
N ALA A 32 -10.84 -18.15 7.07
CA ALA A 32 -9.48 -17.70 6.84
C ALA A 32 -8.47 -18.72 7.35
N TRP A 33 -7.32 -18.74 6.68
CA TRP A 33 -6.16 -19.54 7.08
C TRP A 33 -5.10 -18.59 7.61
N VAL A 34 -4.76 -18.72 8.89
CA VAL A 34 -3.77 -17.85 9.51
C VAL A 34 -2.82 -18.72 10.31
N GLU A 35 -1.54 -18.72 9.92
CA GLU A 35 -0.52 -19.46 10.66
C GLU A 35 -0.93 -20.93 10.85
N GLY A 36 -1.55 -21.52 9.82
CA GLY A 36 -1.91 -22.93 9.85
C GLY A 36 -3.24 -23.26 10.49
N GLU A 37 -3.92 -22.24 11.01
CA GLU A 37 -5.22 -22.46 11.65
C GLU A 37 -6.37 -21.91 10.81
N LEU A 38 -7.48 -22.64 10.78
CA LEU A 38 -8.68 -22.17 10.09
C LEU A 38 -9.63 -21.51 11.08
N VAL A 39 -10.01 -20.27 10.79
CA VAL A 39 -10.88 -19.50 11.67
C VAL A 39 -11.97 -18.80 10.88
N PRO A 40 -13.10 -18.48 11.53
CA PRO A 40 -14.12 -17.68 10.84
C PRO A 40 -13.51 -16.35 10.41
N LEU A 41 -13.86 -15.92 9.21
CA LEU A 41 -13.22 -14.76 8.62
C LEU A 41 -13.33 -13.51 9.49
N ALA A 42 -14.47 -13.28 10.12
CA ALA A 42 -14.65 -12.07 10.93
C ALA A 42 -13.73 -12.06 12.16
N GLU A 43 -13.29 -13.24 12.58
CA GLU A 43 -12.45 -13.37 13.77
C GLU A 43 -10.95 -13.40 13.45
N ALA A 44 -10.62 -13.42 12.16
CA ALA A 44 -9.23 -13.58 11.74
C ALA A 44 -8.40 -12.36 12.09
N ARG A 45 -7.20 -12.58 12.61
CA ARG A 45 -6.31 -11.49 12.99
C ARG A 45 -4.89 -11.75 12.49
N ILE A 46 -4.18 -10.68 12.16
CA ILE A 46 -2.79 -10.79 11.72
C ILE A 46 -1.89 -9.97 12.64
N PRO A 47 -0.60 -10.31 12.72
CA PRO A 47 0.31 -9.51 13.53
C PRO A 47 0.40 -8.06 13.04
N LEU A 48 0.33 -7.11 13.97
CA LEU A 48 0.43 -5.71 13.60
C LEU A 48 1.75 -5.45 12.87
N LEU A 49 2.80 -6.16 13.29
CA LEU A 49 4.13 -5.93 12.74
C LEU A 49 4.35 -6.61 11.39
N ASP A 50 3.36 -7.35 10.90
CA ASP A 50 3.52 -7.93 9.58
C ASP A 50 3.76 -6.83 8.55
N GLN A 51 4.79 -6.98 7.72
CA GLN A 51 5.14 -5.92 6.76
C GLN A 51 4.11 -5.79 5.64
N GLY A 52 3.24 -6.78 5.48
CA GLY A 52 2.11 -6.65 4.59
C GLY A 52 1.21 -5.50 5.04
N PHE A 53 1.17 -5.27 6.34
CA PHE A 53 0.45 -4.11 6.90
C PHE A 53 1.38 -2.91 7.03
N MET A 54 2.54 -3.10 7.66
CA MET A 54 3.44 -1.97 7.95
C MET A 54 3.96 -1.21 6.72
N HIS A 55 4.10 -1.90 5.58
CA HIS A 55 4.54 -1.22 4.36
C HIS A 55 3.91 -1.79 3.08
N SER A 56 2.73 -2.40 3.23
CA SER A 56 2.01 -3.07 2.14
C SER A 56 2.97 -3.84 1.26
N ASP A 57 3.92 -4.52 1.90
CA ASP A 57 4.99 -5.19 1.18
C ASP A 57 4.54 -6.62 0.91
N LEU A 58 3.79 -6.78 -0.16
CA LEU A 58 3.06 -8.01 -0.42
C LEU A 58 2.62 -8.10 -1.86
N THR A 59 2.20 -9.28 -2.26
CA THR A 59 1.38 -9.42 -3.45
C THR A 59 0.23 -10.34 -3.07
N TYR A 60 -0.77 -10.43 -3.94
CA TYR A 60 -1.93 -11.26 -3.66
C TYR A 60 -2.55 -11.75 -4.95
N ASP A 61 -3.46 -12.70 -4.86
CA ASP A 61 -4.24 -13.05 -6.05
C ASP A 61 -5.61 -13.57 -5.63
N VAL A 62 -6.55 -13.55 -6.57
CA VAL A 62 -7.95 -13.82 -6.26
C VAL A 62 -8.59 -14.71 -7.31
N PRO A 63 -8.50 -16.03 -7.12
CA PRO A 63 -9.34 -16.95 -7.88
C PRO A 63 -10.76 -16.92 -7.33
N SER A 64 -11.65 -17.68 -7.94
CA SER A 64 -13.05 -17.64 -7.56
C SER A 64 -13.68 -19.01 -7.73
N VAL A 65 -14.81 -19.20 -7.08
CA VAL A 65 -15.63 -20.40 -7.26
C VAL A 65 -17.02 -19.96 -7.71
N TRP A 66 -17.56 -20.65 -8.72
CA TRP A 66 -18.91 -20.36 -9.19
C TRP A 66 -19.66 -21.68 -9.31
N ASP A 67 -20.86 -21.74 -8.73
CA ASP A 67 -21.68 -22.95 -8.78
C ASP A 67 -20.85 -24.17 -8.36
N GLY A 68 -20.00 -23.98 -7.36
CA GLY A 68 -19.19 -25.06 -6.82
C GLY A 68 -18.00 -25.49 -7.67
N ARG A 69 -17.69 -24.70 -8.71
CA ARG A 69 -16.55 -25.00 -9.56
C ARG A 69 -15.46 -23.91 -9.43
N PHE A 70 -14.24 -24.30 -9.10
CA PHE A 70 -13.11 -23.37 -9.11
C PHE A 70 -12.84 -22.92 -10.54
N PHE A 71 -12.66 -21.61 -10.74
CA PHE A 71 -12.43 -21.08 -12.09
C PHE A 71 -10.98 -20.66 -12.30
N ARG A 72 -10.31 -21.33 -13.24
CA ARG A 72 -8.94 -21.04 -13.62
C ARG A 72 -7.96 -20.92 -12.44
N LEU A 73 -8.08 -21.84 -11.49
CA LEU A 73 -7.27 -21.75 -10.27
C LEU A 73 -5.77 -21.81 -10.59
N ASP A 74 -5.39 -22.69 -11.50
CA ASP A 74 -3.98 -22.83 -11.84
C ASP A 74 -3.41 -21.52 -12.39
N ASP A 75 -4.19 -20.83 -13.21
CA ASP A 75 -3.74 -19.55 -13.77
C ASP A 75 -3.48 -18.54 -12.65
N HIS A 76 -4.36 -18.51 -11.65
CA HIS A 76 -4.21 -17.56 -10.57
C HIS A 76 -3.02 -17.90 -9.67
N ILE A 77 -2.81 -19.18 -9.38
CA ILE A 77 -1.64 -19.55 -8.59
C ILE A 77 -0.35 -19.25 -9.35
N THR A 78 -0.35 -19.51 -10.65
CA THR A 78 0.82 -19.21 -11.48
C THR A 78 1.12 -17.70 -11.51
N ARG A 79 0.07 -16.88 -11.58
CA ARG A 79 0.27 -15.44 -11.55
C ARG A 79 0.80 -15.01 -10.18
N LEU A 80 0.25 -15.61 -9.13
CA LEU A 80 0.73 -15.32 -7.78
C LEU A 80 2.23 -15.61 -7.65
N GLU A 81 2.67 -16.75 -8.16
CA GLU A 81 4.08 -17.11 -8.10
C GLU A 81 4.93 -16.13 -8.92
N ALA A 82 4.38 -15.69 -10.07
CA ALA A 82 5.08 -14.73 -10.91
C ALA A 82 5.24 -13.40 -10.19
N SER A 83 4.16 -12.96 -9.54
CA SER A 83 4.18 -11.72 -8.78
C SER A 83 5.18 -11.83 -7.64
N CYS A 84 5.16 -12.97 -6.95
CA CYS A 84 6.13 -13.21 -5.87
C CYS A 84 7.56 -13.07 -6.36
N THR A 85 7.85 -13.67 -7.51
CA THR A 85 9.20 -13.63 -8.06
C THR A 85 9.62 -12.19 -8.34
N LYS A 86 8.71 -11.40 -8.91
CA LYS A 86 9.03 -10.01 -9.23
C LYS A 86 9.33 -9.20 -7.96
N LEU A 87 8.75 -9.58 -6.84
CA LEU A 87 8.95 -8.86 -5.57
C LEU A 87 10.01 -9.51 -4.68
N ARG A 88 10.64 -10.57 -5.18
CA ARG A 88 11.63 -11.33 -4.41
C ARG A 88 11.00 -11.96 -3.17
N LEU A 89 9.73 -12.35 -3.33
CA LEU A 89 9.00 -13.15 -2.35
C LEU A 89 8.93 -14.59 -2.84
N ARG A 90 8.52 -15.49 -1.95
CA ARG A 90 8.32 -16.88 -2.34
C ARG A 90 7.09 -17.43 -1.64
N LEU A 91 6.21 -18.04 -2.43
CA LEU A 91 5.04 -18.72 -1.87
C LEU A 91 5.49 -19.65 -0.76
N PRO A 92 5.00 -19.45 0.47
CA PRO A 92 5.54 -20.18 1.63
C PRO A 92 5.24 -21.69 1.68
N LEU A 93 4.32 -22.16 0.86
CA LEU A 93 3.99 -23.59 0.80
C LEU A 93 4.02 -24.05 -0.66
N PRO A 94 4.28 -25.35 -0.90
CA PRO A 94 4.22 -25.86 -2.27
C PRO A 94 2.86 -25.58 -2.89
N ARG A 95 2.82 -25.28 -4.18
CA ARG A 95 1.55 -24.85 -4.77
C ARG A 95 0.48 -25.94 -4.75
N ASP A 96 0.87 -27.20 -4.79
CA ASP A 96 -0.12 -28.27 -4.72
C ASP A 96 -0.77 -28.31 -3.34
N GLN A 97 0.02 -28.04 -2.30
CA GLN A 97 -0.53 -27.99 -0.94
C GLN A 97 -1.46 -26.80 -0.78
N VAL A 98 -1.08 -25.67 -1.37
CA VAL A 98 -1.92 -24.48 -1.33
C VAL A 98 -3.29 -24.73 -1.97
N LYS A 99 -3.29 -25.39 -3.13
CA LYS A 99 -4.56 -25.70 -3.79
C LYS A 99 -5.41 -26.61 -2.92
N GLN A 100 -4.79 -27.60 -2.31
CA GLN A 100 -5.50 -28.54 -1.44
C GLN A 100 -6.14 -27.80 -0.27
N ILE A 101 -5.40 -26.88 0.34
CA ILE A 101 -5.93 -26.10 1.44
C ILE A 101 -7.12 -25.23 0.99
N LEU A 102 -6.99 -24.57 -0.16
CA LEU A 102 -8.08 -23.74 -0.69
C LEU A 102 -9.36 -24.55 -0.92
N VAL A 103 -9.22 -25.72 -1.53
CA VAL A 103 -10.39 -26.56 -1.77
C VAL A 103 -11.03 -26.98 -0.44
N GLU A 104 -10.20 -27.33 0.54
CA GLU A 104 -10.69 -27.73 1.85
C GLU A 104 -11.43 -26.56 2.52
N MET A 105 -10.87 -25.36 2.41
CA MET A 105 -11.51 -24.17 2.95
C MET A 105 -12.88 -23.91 2.33
N VAL A 106 -12.95 -23.97 1.01
CA VAL A 106 -14.23 -23.74 0.34
C VAL A 106 -15.24 -24.79 0.79
N ALA A 107 -14.83 -26.05 0.84
CA ALA A 107 -15.74 -27.11 1.25
C ALA A 107 -16.28 -26.89 2.66
N LYS A 108 -15.42 -26.52 3.60
CA LYS A 108 -15.85 -26.29 4.96
C LYS A 108 -16.84 -25.14 5.07
N SER A 109 -16.62 -24.11 4.25
CA SER A 109 -17.49 -22.94 4.28
C SER A 109 -18.87 -23.25 3.71
N GLY A 110 -18.93 -24.22 2.80
CA GLY A 110 -20.15 -24.55 2.07
C GLY A 110 -20.54 -23.51 1.04
N ILE A 111 -19.66 -22.53 0.81
CA ILE A 111 -19.93 -21.47 -0.16
C ILE A 111 -19.73 -21.97 -1.58
N ARG A 112 -20.78 -21.85 -2.40
CA ARG A 112 -20.74 -22.32 -3.79
C ARG A 112 -20.27 -21.23 -4.75
N ASP A 113 -20.50 -19.98 -4.37
CA ASP A 113 -20.08 -18.84 -5.17
C ASP A 113 -19.19 -17.99 -4.29
N ALA A 114 -17.89 -18.05 -4.55
CA ALA A 114 -16.89 -17.56 -3.59
C ALA A 114 -15.84 -16.68 -4.21
N PHE A 115 -15.42 -15.71 -3.41
CA PHE A 115 -14.27 -14.86 -3.63
C PHE A 115 -13.15 -15.50 -2.78
N VAL A 116 -12.05 -15.87 -3.42
CA VAL A 116 -10.94 -16.56 -2.73
C VAL A 116 -9.68 -15.72 -2.85
N GLU A 117 -9.03 -15.40 -1.74
CA GLU A 117 -7.87 -14.53 -1.80
C GLU A 117 -6.66 -15.14 -1.10
N LEU A 118 -5.50 -15.03 -1.76
CA LEU A 118 -4.23 -15.45 -1.17
C LEU A 118 -3.33 -14.24 -1.08
N ILE A 119 -2.63 -14.09 0.04
CA ILE A 119 -1.74 -12.95 0.23
C ILE A 119 -0.38 -13.46 0.65
N VAL A 120 0.68 -13.03 -0.03
CA VAL A 120 2.03 -13.36 0.42
C VAL A 120 2.71 -12.07 0.83
N THR A 121 3.12 -11.96 2.10
CA THR A 121 3.79 -10.75 2.56
C THR A 121 5.27 -10.98 2.87
N ARG A 122 6.02 -9.89 2.98
CA ARG A 122 7.43 -9.97 3.32
C ARG A 122 7.68 -10.67 4.65
N GLY A 123 6.70 -10.56 5.57
CA GLY A 123 6.81 -11.21 6.86
C GLY A 123 6.97 -10.20 8.00
N LEU A 124 7.49 -10.66 9.13
CA LEU A 124 7.59 -9.82 10.33
C LEU A 124 8.81 -8.90 10.36
N LYS A 125 9.71 -9.06 9.39
CA LYS A 125 10.91 -8.22 9.28
C LYS A 125 10.94 -7.54 7.93
N GLY A 126 11.14 -6.23 7.92
CA GLY A 126 11.17 -5.48 6.68
C GLY A 126 12.46 -5.64 5.90
N VAL A 127 12.42 -5.24 4.63
CA VAL A 127 13.60 -5.26 3.78
C VAL A 127 14.71 -4.37 4.33
N ARG A 128 14.32 -3.20 4.85
CA ARG A 128 15.31 -2.24 5.31
C ARG A 128 16.05 -2.76 6.54
N GLY A 129 17.36 -2.87 6.42
CA GLY A 129 18.19 -3.20 7.57
C GLY A 129 18.13 -4.64 8.05
N THR A 130 17.49 -5.51 7.27
CA THR A 130 17.43 -6.92 7.63
C THR A 130 18.29 -7.75 6.69
N ARG A 131 19.07 -8.67 7.25
CA ARG A 131 19.77 -9.64 6.43
C ARG A 131 18.76 -10.41 5.61
N PRO A 132 18.94 -10.42 4.28
CA PRO A 132 18.03 -11.10 3.35
C PRO A 132 17.75 -12.55 3.77
N GLU A 133 18.73 -13.18 4.41
CA GLU A 133 18.59 -14.54 4.91
C GLU A 133 17.69 -14.61 6.13
N ASP A 134 17.45 -13.48 6.78
CA ASP A 134 16.62 -13.43 7.99
C ASP A 134 15.15 -13.14 7.66
N ILE A 135 14.86 -12.96 6.38
CA ILE A 135 13.49 -12.65 5.98
C ILE A 135 12.68 -13.94 5.78
N VAL A 136 11.53 -14.02 6.43
CA VAL A 136 10.64 -15.17 6.28
C VAL A 136 9.27 -14.66 5.86
N ASN A 137 8.87 -14.97 4.63
CA ASN A 137 7.61 -14.47 4.11
C ASN A 137 6.41 -15.15 4.77
N ASN A 138 5.29 -14.43 4.86
CA ASN A 138 4.04 -14.99 5.41
C ASN A 138 2.95 -15.20 4.37
N LEU A 139 2.08 -16.16 4.64
CA LEU A 139 0.94 -16.50 3.80
C LEU A 139 -0.35 -16.31 4.56
N TYR A 140 -1.31 -15.63 3.95
CA TYR A 140 -2.68 -15.56 4.46
C TYR A 140 -3.63 -15.96 3.36
N MET A 141 -4.70 -16.67 3.69
CA MET A 141 -5.69 -17.06 2.68
C MET A 141 -7.09 -16.92 3.25
N PHE A 142 -8.05 -16.53 2.43
CA PHE A 142 -9.42 -16.56 2.91
C PHE A 142 -10.42 -16.79 1.78
N VAL A 143 -11.59 -17.27 2.19
CA VAL A 143 -12.69 -17.55 1.29
C VAL A 143 -13.89 -16.81 1.83
N GLN A 144 -14.58 -16.06 0.98
CA GLN A 144 -15.81 -15.37 1.41
C GLN A 144 -16.84 -15.44 0.31
N PRO A 145 -18.11 -15.10 0.62
CA PRO A 145 -19.11 -15.07 -0.45
C PRO A 145 -18.68 -14.17 -1.60
N TYR A 146 -19.04 -14.59 -2.81
CA TYR A 146 -18.70 -13.89 -4.04
C TYR A 146 -18.98 -12.40 -3.92
N VAL A 147 -17.99 -11.61 -4.35
CA VAL A 147 -17.99 -10.15 -4.33
C VAL A 147 -18.30 -9.58 -5.72
N TRP A 148 -19.20 -8.62 -5.79
CA TRP A 148 -19.55 -7.97 -7.07
C TRP A 148 -19.04 -6.52 -7.16
N VAL A 149 -18.13 -6.25 -8.09
CA VAL A 149 -17.69 -4.89 -8.36
C VAL A 149 -18.84 -4.15 -9.07
N MET A 150 -19.65 -4.92 -9.81
CA MET A 150 -20.94 -4.45 -10.32
C MET A 150 -21.99 -5.48 -9.92
N GLU A 151 -22.98 -5.07 -9.15
CA GLU A 151 -24.06 -5.96 -8.69
C GLU A 151 -24.85 -6.52 -9.87
N PRO A 152 -25.42 -7.71 -9.72
CA PRO A 152 -26.19 -8.31 -10.82
C PRO A 152 -27.23 -7.36 -11.42
N ASP A 153 -28.00 -6.67 -10.60
CA ASP A 153 -29.03 -5.83 -11.17
C ASP A 153 -28.46 -4.61 -11.90
N MET A 154 -27.24 -4.19 -11.56
CA MET A 154 -26.64 -3.12 -12.33
C MET A 154 -26.08 -3.68 -13.64
N GLN A 155 -25.62 -4.93 -13.64
CA GLN A 155 -25.14 -5.53 -14.89
C GLN A 155 -26.26 -5.64 -15.94
N ARG A 156 -27.51 -5.72 -15.48
CA ARG A 156 -28.64 -5.80 -16.41
C ARG A 156 -28.92 -4.48 -17.13
N VAL A 157 -28.42 -3.37 -16.56
CA VAL A 157 -28.71 -2.02 -17.03
C VAL A 157 -27.48 -1.37 -17.64
N GLY A 158 -26.33 -1.69 -17.05
CA GLY A 158 -25.08 -1.02 -17.38
C GLY A 158 -24.72 -0.02 -16.30
N GLY A 159 -23.42 0.26 -16.17
CA GLY A 159 -22.95 1.23 -15.20
C GLY A 159 -22.46 2.52 -15.85
N SER A 160 -22.23 3.52 -15.00
CA SER A 160 -21.71 4.80 -15.44
C SER A 160 -20.24 4.93 -15.08
N ALA A 161 -19.43 5.43 -16.00
CA ALA A 161 -18.00 5.62 -15.74
C ALA A 161 -17.60 7.05 -16.05
N VAL A 162 -16.47 7.47 -15.47
CA VAL A 162 -15.81 8.70 -15.90
C VAL A 162 -14.36 8.41 -16.23
N VAL A 163 -13.81 9.13 -17.19
CA VAL A 163 -12.35 9.14 -17.32
C VAL A 163 -11.83 10.10 -16.25
N ALA A 164 -11.02 9.57 -15.33
CA ALA A 164 -10.61 10.34 -14.17
C ALA A 164 -9.73 11.51 -14.60
N ARG A 165 -9.98 12.67 -13.98
CA ARG A 165 -9.21 13.86 -14.28
C ARG A 165 -8.40 14.36 -13.09
N THR A 166 -8.69 13.84 -11.89
CA THR A 166 -8.02 14.31 -10.68
C THR A 166 -6.93 13.37 -10.23
N VAL A 167 -6.80 12.24 -10.93
CA VAL A 167 -5.85 11.19 -10.57
C VAL A 167 -5.52 10.40 -11.83
N ARG A 168 -4.32 9.81 -11.88
CA ARG A 168 -3.95 8.90 -12.97
C ARG A 168 -3.33 7.64 -12.35
N ARG A 169 -3.15 6.60 -13.15
CA ARG A 169 -2.64 5.32 -12.67
C ARG A 169 -1.16 5.44 -12.27
N VAL A 170 -0.77 4.81 -11.17
CA VAL A 170 0.65 4.70 -10.84
C VAL A 170 1.40 4.08 -12.02
N PRO A 171 2.47 4.73 -12.51
CA PRO A 171 3.15 4.20 -13.70
C PRO A 171 4.02 2.97 -13.37
N PRO A 172 4.28 2.12 -14.38
CA PRO A 172 5.01 0.87 -14.15
C PRO A 172 6.42 1.05 -13.61
N GLY A 173 7.06 2.17 -13.93
CA GLY A 173 8.40 2.45 -13.45
C GLY A 173 8.43 2.90 -12.01
N ALA A 174 7.25 3.03 -11.40
CA ALA A 174 7.16 3.27 -9.94
C ALA A 174 6.70 2.00 -9.24
N ILE A 175 5.54 1.50 -9.64
CA ILE A 175 5.03 0.22 -9.14
C ILE A 175 4.53 -0.56 -10.35
N ASP A 176 5.02 -1.79 -10.48
CA ASP A 176 4.69 -2.66 -11.63
C ASP A 176 3.24 -3.16 -11.51
N PRO A 177 2.32 -2.66 -12.37
CA PRO A 177 0.92 -3.07 -12.25
C PRO A 177 0.67 -4.52 -12.65
N THR A 178 1.66 -5.20 -13.23
CA THR A 178 1.47 -6.62 -13.53
C THR A 178 1.66 -7.46 -12.27
N VAL A 179 2.19 -6.83 -11.22
CA VAL A 179 2.30 -7.45 -9.90
C VAL A 179 1.05 -7.03 -9.15
N LYS A 180 0.13 -7.97 -8.97
N LYS A 180 0.11 -7.95 -8.97
CA LYS A 180 -1.12 -7.67 -8.27
CA LYS A 180 -1.21 -7.60 -8.35
C LYS A 180 -0.78 -7.13 -6.89
C LYS A 180 -0.92 -7.19 -6.88
N ASN A 181 -1.30 -5.97 -6.54
CA ASN A 181 -0.93 -5.39 -5.26
C ASN A 181 -2.07 -4.63 -4.61
N LEU A 182 -1.92 -4.34 -3.31
CA LEU A 182 -2.98 -3.73 -2.55
C LEU A 182 -2.67 -2.26 -2.26
N GLN A 183 -1.76 -1.69 -3.03
CA GLN A 183 -1.41 -0.29 -2.87
C GLN A 183 -2.35 0.53 -3.76
N TRP A 184 -3.54 0.78 -3.22
CA TRP A 184 -4.65 1.30 -4.00
C TRP A 184 -4.84 2.81 -3.91
N GLY A 185 -3.79 3.55 -3.56
CA GLY A 185 -3.94 4.98 -3.36
C GLY A 185 -4.60 5.71 -4.51
N ASP A 186 -4.14 5.42 -5.73
CA ASP A 186 -4.71 6.05 -6.92
C ASP A 186 -6.12 5.52 -7.21
N LEU A 187 -6.34 4.23 -6.96
CA LEU A 187 -7.64 3.64 -7.27
C LEU A 187 -8.73 4.16 -6.33
N VAL A 188 -8.38 4.34 -5.06
CA VAL A 188 -9.32 4.90 -4.10
C VAL A 188 -9.63 6.36 -4.46
N ARG A 189 -8.59 7.12 -4.85
CA ARG A 189 -8.82 8.48 -5.35
C ARG A 189 -9.81 8.47 -6.51
N GLY A 190 -9.64 7.50 -7.40
CA GLY A 190 -10.54 7.35 -8.54
C GLY A 190 -11.97 7.08 -8.12
N MET A 191 -12.16 6.22 -7.13
CA MET A 191 -13.50 5.94 -6.66
C MET A 191 -14.17 7.18 -6.06
N PHE A 192 -13.41 7.96 -5.29
CA PHE A 192 -13.94 9.20 -4.73
C PHE A 192 -14.31 10.17 -5.85
N GLU A 193 -13.44 10.29 -6.85
CA GLU A 193 -13.72 11.20 -7.96
C GLU A 193 -15.00 10.80 -8.71
N ALA A 194 -15.13 9.52 -9.03
CA ALA A 194 -16.34 9.04 -9.70
C ALA A 194 -17.58 9.42 -8.90
N ALA A 195 -17.56 9.16 -7.59
CA ALA A 195 -18.70 9.52 -6.74
C ALA A 195 -18.98 11.02 -6.75
N ASP A 196 -17.93 11.82 -6.63
CA ASP A 196 -18.06 13.28 -6.67
C ASP A 196 -18.73 13.75 -7.97
N ARG A 197 -18.44 13.03 -9.06
CA ARG A 197 -18.97 13.39 -10.38
C ARG A 197 -20.28 12.67 -10.74
N GLY A 198 -20.84 11.95 -9.77
CA GLY A 198 -22.15 11.34 -9.98
C GLY A 198 -22.10 10.07 -10.80
N ALA A 199 -20.93 9.43 -10.86
CA ALA A 199 -20.79 8.16 -11.58
C ALA A 199 -20.31 7.06 -10.64
N THR A 200 -20.33 5.83 -11.12
CA THR A 200 -19.94 4.72 -10.26
C THR A 200 -18.47 4.32 -10.43
N TYR A 201 -17.97 4.31 -11.66
CA TYR A 201 -16.65 3.72 -11.95
C TYR A 201 -15.66 4.69 -12.54
N PRO A 202 -14.40 4.66 -12.06
CA PRO A 202 -13.35 5.48 -12.64
C PRO A 202 -12.49 4.70 -13.65
N PHE A 203 -12.20 5.31 -14.78
CA PHE A 203 -11.21 4.80 -15.74
C PHE A 203 -9.99 5.68 -15.59
N LEU A 204 -8.83 5.10 -15.25
CA LEU A 204 -7.64 5.94 -15.06
C LEU A 204 -6.77 5.94 -16.31
N THR A 205 -6.18 7.09 -16.62
CA THR A 205 -5.25 7.19 -17.74
C THR A 205 -3.85 6.86 -17.27
N ASP A 206 -2.92 6.82 -18.22
CA ASP A 206 -1.50 6.63 -17.91
C ASP A 206 -0.79 7.97 -17.73
N GLY A 207 -1.59 9.03 -17.61
CA GLY A 207 -1.05 10.38 -17.49
C GLY A 207 -0.31 10.79 -18.76
N ASP A 208 -0.72 10.18 -19.87
CA ASP A 208 -0.09 10.45 -21.16
C ASP A 208 -1.09 10.16 -22.28
N ALA A 209 -2.37 10.44 -21.99
CA ALA A 209 -3.45 10.40 -22.98
C ALA A 209 -3.84 9.00 -23.43
N HIS A 210 -3.52 7.98 -22.65
CA HIS A 210 -3.95 6.62 -22.98
C HIS A 210 -4.62 5.97 -21.78
N LEU A 211 -5.53 5.04 -22.04
CA LEU A 211 -6.25 4.37 -20.96
C LEU A 211 -5.43 3.28 -20.31
N THR A 212 -5.67 3.03 -19.02
CA THR A 212 -5.07 1.88 -18.37
C THR A 212 -6.18 0.98 -17.81
N GLU A 213 -6.45 1.07 -16.51
CA GLU A 213 -7.45 0.22 -15.88
C GLU A 213 -8.20 1.05 -14.83
N GLY A 214 -9.05 0.40 -14.07
CA GLY A 214 -9.81 1.11 -13.05
C GLY A 214 -9.64 0.46 -11.70
N SER A 215 -10.52 0.85 -10.78
CA SER A 215 -10.46 0.37 -9.40
C SER A 215 -10.93 -1.08 -9.22
N GLY A 216 -10.08 -2.02 -9.62
CA GLY A 216 -10.38 -3.43 -9.49
C GLY A 216 -10.89 -4.11 -10.74
N PHE A 217 -10.54 -3.57 -11.91
CA PHE A 217 -11.01 -4.14 -13.18
C PHE A 217 -10.17 -3.68 -14.37
N ASN A 218 -10.15 -4.49 -15.42
CA ASN A 218 -9.62 -4.05 -16.72
C ASN A 218 -10.74 -3.40 -17.54
N ILE A 219 -10.33 -2.66 -18.58
CA ILE A 219 -11.26 -1.92 -19.44
C ILE A 219 -11.17 -2.43 -20.86
N VAL A 220 -12.33 -2.73 -21.48
CA VAL A 220 -12.38 -3.15 -22.87
C VAL A 220 -13.29 -2.23 -23.67
N LEU A 221 -12.80 -1.73 -24.80
CA LEU A 221 -13.62 -0.95 -25.72
C LEU A 221 -13.97 -1.77 -26.95
N VAL A 222 -15.16 -1.53 -27.50
CA VAL A 222 -15.60 -2.25 -28.70
C VAL A 222 -15.84 -1.21 -29.79
N LYS A 223 -15.20 -1.37 -30.94
CA LYS A 223 -15.38 -0.44 -32.03
C LYS A 223 -15.36 -1.19 -33.35
N ASP A 224 -16.42 -1.04 -34.14
CA ASP A 224 -16.55 -1.69 -35.45
C ASP A 224 -16.19 -3.17 -35.42
N GLY A 225 -16.71 -3.86 -34.42
CA GLY A 225 -16.61 -5.30 -34.34
C GLY A 225 -15.30 -5.81 -33.76
N VAL A 226 -14.48 -4.90 -33.25
CA VAL A 226 -13.16 -5.25 -32.73
C VAL A 226 -13.04 -4.83 -31.26
N LEU A 227 -12.41 -5.68 -30.44
CA LEU A 227 -12.15 -5.35 -29.03
C LEU A 227 -10.79 -4.69 -28.90
N TYR A 228 -10.72 -3.66 -28.06
CA TYR A 228 -9.49 -2.95 -27.74
C TYR A 228 -9.29 -2.94 -26.24
N THR A 229 -8.09 -3.28 -25.76
CA THR A 229 -7.83 -3.23 -24.33
C THR A 229 -6.36 -2.91 -24.11
N PRO A 230 -6.05 -2.03 -23.14
CA PRO A 230 -4.67 -1.59 -22.91
C PRO A 230 -3.72 -2.74 -22.63
N ASP A 231 -2.52 -2.64 -23.21
CA ASP A 231 -1.50 -3.65 -22.98
C ASP A 231 -0.66 -3.29 -21.75
N ARG A 232 -0.05 -2.12 -21.80
CA ARG A 232 0.86 -1.63 -20.78
C ARG A 232 0.12 -0.91 -19.66
N GLY A 233 0.65 -0.94 -18.45
CA GLY A 233 0.13 -0.11 -17.39
C GLY A 233 -1.00 -0.72 -16.57
N VAL A 234 -1.24 -2.01 -16.79
CA VAL A 234 -2.39 -2.68 -16.19
C VAL A 234 -2.07 -4.08 -15.71
N LEU A 235 -2.93 -4.59 -14.84
CA LEU A 235 -2.90 -6.00 -14.50
C LEU A 235 -3.26 -6.84 -15.73
N GLN A 236 -2.55 -7.93 -15.96
CA GLN A 236 -2.94 -8.87 -17.00
C GLN A 236 -4.01 -9.79 -16.44
N GLY A 237 -5.26 -9.33 -16.53
CA GLY A 237 -6.35 -9.98 -15.83
C GLY A 237 -6.66 -11.36 -16.36
N VAL A 238 -7.05 -12.25 -15.46
CA VAL A 238 -7.50 -13.58 -15.87
C VAL A 238 -8.89 -13.47 -16.51
N THR A 239 -9.69 -12.48 -16.10
CA THR A 239 -10.97 -12.27 -16.76
C THR A 239 -10.71 -11.76 -18.18
N ARG A 240 -9.80 -10.81 -18.31
CA ARG A 240 -9.38 -10.31 -19.61
C ARG A 240 -8.88 -11.46 -20.50
N LYS A 241 -8.10 -12.36 -19.91
CA LYS A 241 -7.62 -13.52 -20.64
C LYS A 241 -8.79 -14.37 -21.14
N SER A 242 -9.79 -14.53 -20.28
CA SER A 242 -11.01 -15.27 -20.61
C SER A 242 -11.80 -14.59 -21.72
N VAL A 243 -11.87 -13.27 -21.67
CA VAL A 243 -12.50 -12.49 -22.72
C VAL A 243 -11.81 -12.75 -24.05
N ILE A 244 -10.48 -12.79 -24.04
CA ILE A 244 -9.71 -13.06 -25.24
C ILE A 244 -9.99 -14.49 -25.75
N ASN A 245 -10.03 -15.46 -24.84
CA ASN A 245 -10.42 -16.83 -25.22
C ASN A 245 -11.78 -16.90 -25.90
N ALA A 246 -12.77 -16.26 -25.28
CA ALA A 246 -14.13 -16.28 -25.82
C ALA A 246 -14.19 -15.56 -27.16
N ALA A 247 -13.55 -14.41 -27.26
CA ALA A 247 -13.56 -13.66 -28.51
C ALA A 247 -12.91 -14.46 -29.64
N GLU A 248 -11.76 -15.09 -29.37
CA GLU A 248 -11.11 -15.91 -30.39
C GLU A 248 -11.99 -17.07 -30.82
N ALA A 249 -12.70 -17.67 -29.86
CA ALA A 249 -13.62 -18.75 -30.19
C ALA A 249 -14.78 -18.25 -31.05
N PHE A 250 -15.18 -17.00 -30.83
CA PHE A 250 -16.28 -16.40 -31.57
C PHE A 250 -15.85 -15.75 -32.89
N GLY A 251 -14.54 -15.67 -33.12
CA GLY A 251 -14.03 -15.05 -34.34
C GLY A 251 -14.04 -13.53 -34.27
N ILE A 252 -13.94 -13.00 -33.06
CA ILE A 252 -13.88 -11.55 -32.83
C ILE A 252 -12.45 -11.14 -32.55
N GLU A 253 -11.93 -10.18 -33.30
CA GLU A 253 -10.55 -9.72 -33.12
C GLU A 253 -10.40 -8.97 -31.81
N VAL A 254 -9.31 -9.26 -31.08
CA VAL A 254 -8.99 -8.52 -29.86
C VAL A 254 -7.61 -7.90 -30.00
N ARG A 255 -7.54 -6.59 -29.85
CA ARG A 255 -6.25 -5.90 -29.90
C ARG A 255 -5.84 -5.47 -28.50
N VAL A 256 -4.76 -6.07 -28.02
CA VAL A 256 -4.16 -5.72 -26.75
C VAL A 256 -3.00 -4.78 -27.06
N GLU A 257 -3.21 -3.48 -26.88
CA GLU A 257 -2.31 -2.49 -27.44
C GLU A 257 -2.50 -1.14 -26.76
N PHE A 258 -1.80 -0.11 -27.22
CA PHE A 258 -2.02 1.20 -26.61
C PHE A 258 -3.36 1.72 -27.07
N VAL A 259 -4.18 2.10 -26.11
CA VAL A 259 -5.54 2.55 -26.35
C VAL A 259 -5.63 4.02 -25.99
N PRO A 260 -5.73 4.89 -27.00
CA PRO A 260 -5.87 6.31 -26.69
C PRO A 260 -7.19 6.62 -26.01
N VAL A 261 -7.16 7.56 -25.08
CA VAL A 261 -8.36 8.02 -24.39
C VAL A 261 -9.47 8.40 -25.37
N GLU A 262 -9.11 8.98 -26.51
CA GLU A 262 -10.14 9.47 -27.43
C GLU A 262 -11.03 8.33 -27.93
N LEU A 263 -10.49 7.10 -27.99
CA LEU A 263 -11.28 5.97 -28.49
C LEU A 263 -12.49 5.70 -27.60
N ALA A 264 -12.35 5.96 -26.30
CA ALA A 264 -13.45 5.75 -25.36
C ALA A 264 -14.67 6.64 -25.65
N TYR A 265 -14.44 7.74 -26.35
CA TYR A 265 -15.52 8.69 -26.65
C TYR A 265 -16.15 8.44 -28.02
N ARG A 266 -15.59 7.52 -28.80
CA ARG A 266 -16.18 7.23 -30.09
C ARG A 266 -16.39 5.74 -30.34
N CYS A 267 -16.38 4.94 -29.28
CA CYS A 267 -16.53 3.51 -29.49
C CYS A 267 -18.00 3.09 -29.45
N ASP A 268 -18.26 1.83 -29.78
CA ASP A 268 -19.63 1.33 -29.91
C ASP A 268 -20.14 0.72 -28.62
N GLU A 269 -19.24 0.10 -27.87
CA GLU A 269 -19.59 -0.52 -26.59
C GLU A 269 -18.40 -0.40 -25.64
N ILE A 270 -18.69 -0.47 -24.33
CA ILE A 270 -17.63 -0.51 -23.31
C ILE A 270 -18.02 -1.54 -22.26
N PHE A 271 -17.07 -2.35 -21.81
CA PHE A 271 -17.31 -3.12 -20.60
C PHE A 271 -16.04 -3.26 -19.78
N MET A 272 -16.23 -3.50 -18.50
CA MET A 272 -15.14 -3.72 -17.57
C MET A 272 -15.07 -5.22 -17.31
N CYS A 273 -13.93 -5.72 -16.88
CA CYS A 273 -13.91 -7.14 -16.54
C CYS A 273 -13.02 -7.41 -15.34
N THR A 274 -13.43 -8.38 -14.52
CA THR A 274 -12.72 -8.67 -13.28
C THR A 274 -13.23 -9.98 -12.69
N THR A 275 -12.42 -10.61 -11.85
CA THR A 275 -12.87 -11.83 -11.19
C THR A 275 -14.03 -11.53 -10.25
N ALA A 276 -13.97 -10.39 -9.56
CA ALA A 276 -15.04 -10.04 -8.61
C ALA A 276 -16.20 -9.36 -9.35
N GLY A 277 -16.92 -10.15 -10.15
CA GLY A 277 -18.09 -9.66 -10.85
C GLY A 277 -18.24 -10.12 -12.29
N GLY A 278 -17.14 -10.42 -12.96
CA GLY A 278 -17.19 -10.91 -14.33
C GLY A 278 -17.17 -9.81 -15.38
N ILE A 279 -18.20 -9.78 -16.21
CA ILE A 279 -18.27 -8.88 -17.36
C ILE A 279 -19.29 -7.78 -17.04
N MET A 280 -18.84 -6.53 -17.06
CA MET A 280 -19.60 -5.45 -16.44
C MET A 280 -19.81 -4.30 -17.42
N PRO A 281 -20.98 -4.24 -18.06
CA PRO A 281 -21.18 -3.25 -19.13
C PRO A 281 -21.17 -1.82 -18.61
N ILE A 282 -20.63 -0.91 -19.41
CA ILE A 282 -20.66 0.52 -19.10
C ILE A 282 -21.43 1.24 -20.20
N THR A 283 -22.51 1.92 -19.81
CA THR A 283 -23.43 2.49 -20.80
C THR A 283 -23.49 4.01 -20.77
N THR A 284 -22.84 4.65 -19.80
CA THR A 284 -22.59 6.09 -19.89
C THR A 284 -21.14 6.38 -19.52
N LEU A 285 -20.56 7.35 -20.21
CA LEU A 285 -19.17 7.75 -20.00
C LEU A 285 -19.12 9.26 -19.93
N ASP A 286 -18.62 9.80 -18.82
CA ASP A 286 -18.61 11.24 -18.59
C ASP A 286 -20.01 11.83 -18.77
N GLY A 287 -21.03 11.08 -18.33
CA GLY A 287 -22.39 11.58 -18.37
C GLY A 287 -23.09 11.44 -19.71
N MET A 288 -22.41 10.83 -20.69
CA MET A 288 -22.95 10.72 -22.04
C MET A 288 -23.25 9.27 -22.38
N PRO A 289 -24.43 8.99 -22.91
CA PRO A 289 -24.71 7.61 -23.32
C PRO A 289 -23.67 7.09 -24.29
N VAL A 290 -23.24 5.85 -24.09
CA VAL A 290 -22.28 5.21 -24.98
C VAL A 290 -23.03 4.64 -26.17
N ASN A 291 -22.89 5.27 -27.33
CA ASN A 291 -23.52 4.78 -28.57
C ASN A 291 -25.00 4.43 -28.36
N GLY A 292 -25.75 5.34 -27.74
CA GLY A 292 -27.16 5.09 -27.53
C GLY A 292 -27.51 4.66 -26.12
N GLY A 293 -26.53 4.12 -25.39
CA GLY A 293 -26.72 3.86 -23.98
C GLY A 293 -27.29 2.50 -23.61
N GLN A 294 -27.40 1.61 -24.58
CA GLN A 294 -27.86 0.24 -24.32
C GLN A 294 -26.67 -0.72 -24.28
N ILE A 295 -26.83 -1.85 -23.59
CA ILE A 295 -25.78 -2.86 -23.56
C ILE A 295 -25.64 -3.42 -24.98
N GLY A 296 -24.41 -3.52 -25.46
CA GLY A 296 -24.18 -3.85 -26.85
C GLY A 296 -24.14 -5.34 -27.14
N PRO A 297 -24.26 -5.70 -28.42
CA PRO A 297 -24.35 -7.11 -28.81
C PRO A 297 -23.07 -7.89 -28.55
N ILE A 298 -21.91 -7.26 -28.72
CA ILE A 298 -20.67 -8.01 -28.52
C ILE A 298 -20.45 -8.20 -27.02
N THR A 299 -20.78 -7.17 -26.22
CA THR A 299 -20.73 -7.30 -24.77
C THR A 299 -21.59 -8.48 -24.31
N LYS A 300 -22.80 -8.59 -24.86
CA LYS A 300 -23.68 -9.70 -24.48
C LYS A 300 -23.09 -11.06 -24.85
N LYS A 301 -22.49 -11.14 -26.03
CA LYS A 301 -21.89 -12.40 -26.48
C LYS A 301 -20.73 -12.80 -25.57
N ILE A 302 -19.90 -11.83 -25.18
CA ILE A 302 -18.77 -12.10 -24.29
C ILE A 302 -19.28 -12.45 -22.89
N TRP A 303 -20.31 -11.74 -22.45
CA TRP A 303 -20.94 -12.02 -21.16
C TRP A 303 -21.35 -13.49 -21.08
N ASP A 304 -22.11 -13.95 -22.05
CA ASP A 304 -22.54 -15.34 -22.09
C ASP A 304 -21.36 -16.30 -22.20
N GLY A 305 -20.40 -15.97 -23.07
CA GLY A 305 -19.24 -16.82 -23.27
C GLY A 305 -18.42 -16.99 -22.00
N TYR A 306 -18.25 -15.91 -21.26
CA TYR A 306 -17.48 -15.93 -20.02
C TYR A 306 -18.10 -16.87 -19.00
N TRP A 307 -19.41 -16.79 -18.83
CA TRP A 307 -20.02 -17.62 -17.80
C TRP A 307 -20.07 -19.08 -18.25
N ALA A 308 -20.16 -19.31 -19.56
CA ALA A 308 -20.13 -20.69 -20.05
C ALA A 308 -18.78 -21.34 -19.71
N MET A 309 -17.71 -20.54 -19.73
CA MET A 309 -16.39 -21.07 -19.44
C MET A 309 -16.29 -21.62 -18.02
N HIS A 310 -17.15 -21.14 -17.13
CA HIS A 310 -17.14 -21.61 -15.75
C HIS A 310 -17.58 -23.07 -15.59
N TYR A 311 -18.15 -23.64 -16.65
CA TYR A 311 -18.62 -25.02 -16.63
C TYR A 311 -17.81 -25.88 -17.59
N ASP A 312 -16.80 -25.26 -18.18
CA ASP A 312 -15.95 -25.90 -19.16
C ASP A 312 -14.76 -26.53 -18.44
N ALA A 313 -14.59 -27.85 -18.59
CA ALA A 313 -13.54 -28.58 -17.88
C ALA A 313 -12.14 -28.04 -18.20
N ALA A 314 -12.00 -27.37 -19.33
CA ALA A 314 -10.71 -26.78 -19.71
C ALA A 314 -10.34 -25.61 -18.79
N TYR A 315 -11.33 -25.04 -18.12
CA TYR A 315 -11.11 -23.80 -17.37
C TYR A 315 -11.54 -23.88 -15.93
N SER A 316 -12.00 -25.07 -15.50
CA SER A 316 -12.64 -25.19 -14.20
C SER A 316 -12.68 -26.63 -13.72
N PHE A 317 -12.87 -26.80 -12.42
CA PHE A 317 -13.10 -28.14 -11.88
C PHE A 317 -14.09 -28.07 -10.74
N GLU A 318 -14.81 -29.18 -10.54
CA GLU A 318 -15.84 -29.24 -9.51
C GLU A 318 -15.27 -29.57 -8.14
N ILE A 319 -15.69 -28.80 -7.14
CA ILE A 319 -15.34 -29.07 -5.75
C ILE A 319 -16.30 -30.07 -5.11
N ASP A 320 -15.74 -31.06 -4.41
CA ASP A 320 -16.53 -32.01 -3.64
C ASP A 320 -16.77 -31.42 -2.26
N TYR A 321 -17.99 -30.98 -2.00
CA TYR A 321 -18.31 -30.42 -0.70
C TYR A 321 -18.51 -31.58 0.26
N ASN A 322 -18.41 -31.28 1.56
CA ASN A 322 -18.34 -32.32 2.60
C ASN A 322 -17.48 -33.55 2.27
N GLU A 323 -16.42 -33.37 1.46
CA GLU A 323 -15.50 -34.46 1.11
C GLU A 323 -14.24 -34.02 0.34
N ARG A 324 -14.18 -32.75 -0.04
CA ARG A 324 -13.05 -32.16 -0.79
C ARG A 324 -12.89 -32.74 -2.19
N ASN A 325 -12.66 -31.84 -3.16
CA ASN A 325 -12.67 -32.17 -4.59
C ASN A 325 -11.91 -33.44 -4.98
N MET B 1 29.22 21.32 14.94
CA MET B 1 30.19 20.51 14.23
C MET B 1 30.89 19.52 15.17
N ALA B 2 30.24 19.18 16.29
CA ALA B 2 30.88 18.34 17.31
C ALA B 2 29.98 17.73 18.41
N SER B 3 28.69 17.54 18.16
CA SER B 3 27.81 16.98 19.20
C SER B 3 27.66 15.47 19.15
N MET B 4 28.21 14.82 18.12
CA MET B 4 27.95 13.39 17.92
C MET B 4 28.38 12.53 19.10
N ASP B 5 29.56 12.78 19.65
CA ASP B 5 30.03 11.97 20.77
C ASP B 5 29.04 12.01 21.94
N LYS B 6 28.59 13.21 22.28
CA LYS B 6 27.73 13.30 23.45
C LYS B 6 26.33 12.77 23.18
N VAL B 7 25.78 13.09 22.01
CA VAL B 7 24.44 12.63 21.66
C VAL B 7 24.43 11.10 21.65
N PHE B 8 25.41 10.51 20.99
CA PHE B 8 25.45 9.05 20.90
C PHE B 8 25.80 8.38 22.24
N ALA B 9 26.63 9.01 23.05
CA ALA B 9 27.00 8.40 24.34
C ALA B 9 25.83 8.42 25.31
N GLY B 10 25.04 9.49 25.27
CA GLY B 10 23.85 9.59 26.08
C GLY B 10 22.87 8.50 25.68
N TYR B 11 22.65 8.35 24.38
CA TYR B 11 21.78 7.30 23.86
C TYR B 11 22.26 5.91 24.32
N ALA B 12 23.56 5.66 24.18
CA ALA B 12 24.10 4.35 24.56
C ALA B 12 23.84 4.03 26.03
N ALA B 13 23.95 5.04 26.89
CA ALA B 13 23.71 4.84 28.32
C ALA B 13 22.24 4.56 28.59
N ARG B 14 21.36 5.34 27.96
CA ARG B 14 19.93 5.11 28.15
C ARG B 14 19.52 3.76 27.60
N GLN B 15 20.10 3.40 26.45
CA GLN B 15 19.87 2.09 25.85
C GLN B 15 20.25 0.94 26.76
N ALA B 16 21.38 1.07 27.44
CA ALA B 16 21.85 0.02 28.32
C ALA B 16 20.89 -0.18 29.47
N ILE B 17 20.33 0.91 29.99
CA ILE B 17 19.31 0.78 31.04
C ILE B 17 18.06 0.08 30.51
N LEU B 18 17.57 0.52 29.35
CA LEU B 18 16.40 -0.10 28.74
C LEU B 18 16.60 -1.60 28.51
N GLU B 19 17.72 -1.95 27.90
CA GLU B 19 18.03 -3.36 27.63
C GLU B 19 18.00 -4.19 28.91
N SER B 20 18.46 -3.62 30.02
CA SER B 20 18.57 -4.40 31.25
C SER B 20 17.21 -4.77 31.79
N THR B 21 16.17 -4.04 31.38
CA THR B 21 14.81 -4.25 31.90
C THR B 21 13.95 -5.16 31.04
N GLU B 22 14.50 -5.69 29.96
CA GLU B 22 13.68 -6.45 29.04
C GLU B 22 13.05 -7.73 29.65
N THR B 23 13.66 -8.30 30.68
CA THR B 23 13.04 -9.49 31.28
C THR B 23 12.07 -9.15 32.41
N THR B 24 11.95 -7.87 32.76
CA THR B 24 11.10 -7.49 33.88
C THR B 24 9.94 -6.60 33.43
N ASN B 25 10.14 -5.90 32.34
CA ASN B 25 9.13 -5.01 31.79
C ASN B 25 8.64 -5.53 30.45
N PRO B 26 7.42 -6.09 30.41
CA PRO B 26 6.91 -6.69 29.17
C PRO B 26 6.71 -5.66 28.05
N PHE B 27 6.83 -4.37 28.34
CA PHE B 27 6.65 -3.33 27.33
C PHE B 27 7.99 -2.71 26.88
N ALA B 28 9.10 -3.22 27.40
CA ALA B 28 10.38 -2.59 27.10
C ALA B 28 10.77 -2.74 25.62
N LYS B 29 10.21 -3.74 24.95
CA LYS B 29 10.48 -3.94 23.53
C LYS B 29 9.40 -3.28 22.67
N GLY B 30 8.48 -2.58 23.32
CA GLY B 30 7.43 -1.88 22.61
C GLY B 30 6.04 -2.17 23.15
N ILE B 31 5.14 -1.23 22.91
CA ILE B 31 3.76 -1.31 23.40
C ILE B 31 2.83 -0.79 22.31
N ALA B 32 1.68 -1.46 22.16
CA ALA B 32 0.72 -1.09 21.13
C ALA B 32 -0.65 -0.81 21.75
N TRP B 33 -1.38 0.08 21.11
CA TRP B 33 -2.77 0.36 21.45
C TRP B 33 -3.66 -0.18 20.33
N VAL B 34 -4.53 -1.12 20.68
CA VAL B 34 -5.41 -1.76 19.72
C VAL B 34 -6.80 -1.84 20.35
N GLU B 35 -7.77 -1.17 19.74
CA GLU B 35 -9.15 -1.24 20.20
C GLU B 35 -9.25 -0.92 21.70
N GLY B 36 -8.49 0.09 22.13
CA GLY B 36 -8.57 0.55 23.51
C GLY B 36 -7.75 -0.23 24.51
N GLU B 37 -7.04 -1.26 24.05
CA GLU B 37 -6.25 -2.10 24.94
C GLU B 37 -4.76 -1.93 24.66
N LEU B 38 -3.97 -1.95 25.75
CA LEU B 38 -2.52 -1.88 25.64
C LEU B 38 -1.92 -3.28 25.73
N VAL B 39 -1.07 -3.61 24.76
CA VAL B 39 -0.45 -4.92 24.70
C VAL B 39 1.01 -4.80 24.29
N PRO B 40 1.84 -5.79 24.65
CA PRO B 40 3.22 -5.76 24.16
C PRO B 40 3.22 -5.78 22.64
N LEU B 41 4.12 -5.02 22.04
CA LEU B 41 4.08 -4.84 20.58
C LEU B 41 4.13 -6.15 19.79
N ALA B 42 4.94 -7.10 20.24
CA ALA B 42 5.07 -8.37 19.52
C ALA B 42 3.76 -9.17 19.52
N GLU B 43 2.89 -8.87 20.48
CA GLU B 43 1.64 -9.64 20.62
C GLU B 43 0.45 -8.94 19.96
N ALA B 44 0.67 -7.72 19.48
CA ALA B 44 -0.40 -6.93 18.89
C ALA B 44 -0.92 -7.56 17.61
N ARG B 45 -2.24 -7.63 17.47
CA ARG B 45 -2.87 -8.16 16.26
C ARG B 45 -3.95 -7.22 15.77
N ILE B 46 -4.17 -7.20 14.46
CA ILE B 46 -5.26 -6.40 13.89
C ILE B 46 -6.19 -7.30 13.08
N PRO B 47 -7.44 -6.87 12.87
CA PRO B 47 -8.34 -7.69 12.05
C PRO B 47 -7.82 -7.85 10.63
N LEU B 48 -7.85 -9.06 10.11
CA LEU B 48 -7.43 -9.31 8.73
C LEU B 48 -8.22 -8.44 7.75
N LEU B 49 -9.51 -8.23 8.03
CA LEU B 49 -10.37 -7.46 7.14
C LEU B 49 -10.20 -5.94 7.24
N ASP B 50 -9.31 -5.47 8.12
CA ASP B 50 -9.10 -4.03 8.19
C ASP B 50 -8.58 -3.55 6.83
N GLN B 51 -9.19 -2.51 6.29
CA GLN B 51 -8.82 -2.03 4.96
C GLN B 51 -7.44 -1.39 4.94
N GLY B 52 -6.89 -1.07 6.10
CA GLY B 52 -5.49 -0.68 6.20
C GLY B 52 -4.57 -1.79 5.71
N PHE B 53 -5.00 -3.04 5.90
CA PHE B 53 -4.29 -4.18 5.35
C PHE B 53 -4.83 -4.55 3.96
N MET B 54 -6.15 -4.65 3.84
CA MET B 54 -6.76 -5.14 2.60
C MET B 54 -6.51 -4.27 1.38
N HIS B 55 -6.36 -2.97 1.58
CA HIS B 55 -6.05 -2.07 0.46
C HIS B 55 -5.15 -0.92 0.83
N SER B 56 -4.32 -1.12 1.86
CA SER B 56 -3.46 -0.06 2.44
C SER B 56 -4.17 1.29 2.45
N ASP B 57 -5.43 1.27 2.86
CA ASP B 57 -6.26 2.47 2.78
C ASP B 57 -6.14 3.17 4.11
N LEU B 58 -5.07 3.95 4.23
CA LEU B 58 -4.69 4.54 5.52
C LEU B 58 -3.74 5.70 5.34
N THR B 59 -3.54 6.44 6.42
CA THR B 59 -2.36 7.28 6.53
C THR B 59 -1.74 7.01 7.90
N TYR B 60 -0.56 7.55 8.14
CA TYR B 60 0.11 7.35 9.42
C TYR B 60 1.02 8.52 9.70
N ASP B 61 1.57 8.57 10.90
CA ASP B 61 2.61 9.53 11.19
C ASP B 61 3.46 9.02 12.33
N VAL B 62 4.67 9.55 12.43
CA VAL B 62 5.69 9.01 13.33
C VAL B 62 6.43 10.15 14.03
N PRO B 63 5.90 10.60 15.17
CA PRO B 63 6.69 11.43 16.09
C PRO B 63 7.71 10.56 16.82
N SER B 64 8.51 11.17 17.66
CA SER B 64 9.57 10.44 18.35
C SER B 64 9.79 11.02 19.71
N VAL B 65 10.49 10.25 20.55
CA VAL B 65 10.92 10.69 21.87
C VAL B 65 12.42 10.55 21.91
N TRP B 66 13.09 11.58 22.42
CA TRP B 66 14.54 11.54 22.60
C TRP B 66 14.87 11.99 24.00
N ASP B 67 15.62 11.16 24.73
CA ASP B 67 16.05 11.49 26.08
C ASP B 67 14.82 11.88 26.92
N GLY B 68 13.75 11.12 26.75
CA GLY B 68 12.52 11.30 27.49
C GLY B 68 11.74 12.55 27.13
N ARG B 69 12.03 13.12 25.96
CA ARG B 69 11.34 14.32 25.49
C ARG B 69 10.66 14.08 24.15
N PHE B 70 9.34 14.28 24.08
CA PHE B 70 8.65 14.20 22.81
C PHE B 70 9.14 15.33 21.90
N PHE B 71 9.42 15.00 20.64
CA PHE B 71 9.93 16.02 19.71
C PHE B 71 8.87 16.39 18.68
N ARG B 72 8.47 17.66 18.71
CA ARG B 72 7.51 18.24 17.76
C ARG B 72 6.24 17.40 17.61
N LEU B 73 5.69 16.95 18.73
CA LEU B 73 4.52 16.08 18.70
C LEU B 73 3.34 16.78 18.02
N ASP B 74 3.10 18.04 18.35
CA ASP B 74 1.98 18.77 17.75
C ASP B 74 2.10 18.85 16.23
N ASP B 75 3.30 19.07 15.72
CA ASP B 75 3.49 19.09 14.27
C ASP B 75 3.09 17.76 13.64
N HIS B 76 3.43 16.66 14.30
CA HIS B 76 3.12 15.35 13.75
C HIS B 76 1.63 15.05 13.79
N ILE B 77 0.97 15.42 14.90
CA ILE B 77 -0.46 15.17 14.95
C ILE B 77 -1.20 16.07 13.97
N THR B 78 -0.74 17.31 13.81
CA THR B 78 -1.35 18.19 12.82
C THR B 78 -1.17 17.65 11.40
N ARG B 79 0.01 17.10 11.10
CA ARG B 79 0.23 16.51 9.78
C ARG B 79 -0.66 15.28 9.59
N LEU B 80 -0.80 14.48 10.63
CA LEU B 80 -1.69 13.31 10.57
C LEU B 80 -3.11 13.72 10.24
N GLU B 81 -3.58 14.79 10.89
CA GLU B 81 -4.95 15.26 10.65
C GLU B 81 -5.10 15.77 9.23
N ALA B 82 -4.06 16.45 8.74
CA ALA B 82 -4.08 16.98 7.37
C ALA B 82 -4.13 15.83 6.37
N SER B 83 -3.35 14.79 6.64
CA SER B 83 -3.33 13.59 5.79
C SER B 83 -4.71 12.93 5.81
N CYS B 84 -5.28 12.79 7.01
CA CYS B 84 -6.62 12.24 7.13
C CYS B 84 -7.61 13.03 6.28
N THR B 85 -7.56 14.35 6.39
CA THR B 85 -8.49 15.19 5.63
C THR B 85 -8.37 14.92 4.14
N LYS B 86 -7.14 14.81 3.65
CA LYS B 86 -6.92 14.58 2.22
C LYS B 86 -7.44 13.22 1.77
N LEU B 87 -7.46 12.24 2.68
CA LEU B 87 -7.96 10.89 2.36
C LEU B 87 -9.42 10.68 2.74
N ARG B 88 -10.07 11.73 3.26
CA ARG B 88 -11.46 11.67 3.75
C ARG B 88 -11.57 10.69 4.91
N LEU B 89 -10.51 10.64 5.70
CA LEU B 89 -10.49 9.94 6.97
C LEU B 89 -10.65 10.94 8.11
N ARG B 90 -10.90 10.42 9.30
CA ARG B 90 -10.98 11.26 10.48
C ARG B 90 -10.30 10.54 11.65
N LEU B 91 -9.39 11.24 12.31
CA LEU B 91 -8.77 10.72 13.52
C LEU B 91 -9.86 10.28 14.49
N PRO B 92 -9.87 8.99 14.87
CA PRO B 92 -11.01 8.42 15.59
C PRO B 92 -11.19 8.87 17.04
N LEU B 93 -10.21 9.58 17.59
CA LEU B 93 -10.34 10.15 18.93
C LEU B 93 -9.90 11.62 18.88
N PRO B 94 -10.36 12.43 19.84
CA PRO B 94 -9.91 13.83 19.92
C PRO B 94 -8.40 13.91 20.07
N ARG B 95 -7.75 14.89 19.45
CA ARG B 95 -6.29 14.86 19.42
C ARG B 95 -5.69 15.01 20.81
N ASP B 96 -6.37 15.67 21.74
CA ASP B 96 -5.80 15.79 23.08
C ASP B 96 -5.84 14.45 23.82
N GLN B 97 -6.86 13.64 23.54
CA GLN B 97 -6.90 12.30 24.11
C GLN B 97 -5.80 11.42 23.50
N VAL B 98 -5.60 11.59 22.20
CA VAL B 98 -4.55 10.84 21.50
C VAL B 98 -3.20 11.16 22.13
N LYS B 99 -2.92 12.43 22.35
CA LYS B 99 -1.66 12.82 22.98
C LYS B 99 -1.52 12.19 24.36
N GLN B 100 -2.61 12.19 25.13
CA GLN B 100 -2.55 11.66 26.48
C GLN B 100 -2.24 10.16 26.46
N ILE B 101 -2.86 9.44 25.53
CA ILE B 101 -2.60 8.02 25.41
C ILE B 101 -1.13 7.76 25.04
N LEU B 102 -0.61 8.52 24.07
CA LEU B 102 0.77 8.33 23.64
C LEU B 102 1.74 8.54 24.79
N VAL B 103 1.53 9.58 25.57
CA VAL B 103 2.42 9.87 26.69
C VAL B 103 2.32 8.75 27.73
N GLU B 104 1.10 8.27 27.98
CA GLU B 104 0.90 7.12 28.86
C GLU B 104 1.64 5.88 28.36
N MET B 105 1.54 5.63 27.05
CA MET B 105 2.20 4.46 26.46
C MET B 105 3.71 4.52 26.60
N VAL B 106 4.28 5.68 26.30
CA VAL B 106 5.71 5.87 26.42
C VAL B 106 6.13 5.67 27.86
N ALA B 107 5.41 6.30 28.78
CA ALA B 107 5.75 6.18 30.20
C ALA B 107 5.71 4.72 30.65
N LYS B 108 4.67 3.98 30.24
CA LYS B 108 4.55 2.56 30.61
C LYS B 108 5.69 1.71 30.07
N SER B 109 6.15 2.03 28.86
CA SER B 109 7.22 1.29 28.22
C SER B 109 8.58 1.51 28.88
N GLY B 110 8.76 2.67 29.51
CA GLY B 110 10.05 3.04 30.06
C GLY B 110 11.07 3.46 29.00
N ILE B 111 10.64 3.50 27.74
CA ILE B 111 11.53 3.83 26.64
C ILE B 111 11.77 5.35 26.57
N ARG B 112 13.05 5.74 26.62
CA ARG B 112 13.45 7.15 26.62
C ARG B 112 13.73 7.65 25.21
N ASP B 113 14.10 6.73 24.33
CA ASP B 113 14.36 7.05 22.94
C ASP B 113 13.48 6.17 22.10
N ALA B 114 12.44 6.76 21.54
CA ALA B 114 11.33 6.01 20.95
C ALA B 114 10.94 6.45 19.56
N PHE B 115 10.52 5.46 18.79
CA PHE B 115 9.84 5.60 17.52
C PHE B 115 8.35 5.42 17.84
N VAL B 116 7.53 6.42 17.53
CA VAL B 116 6.13 6.37 17.91
C VAL B 116 5.29 6.43 16.66
N GLU B 117 4.39 5.49 16.45
CA GLU B 117 3.64 5.48 15.19
C GLU B 117 2.13 5.48 15.44
N LEU B 118 1.43 6.32 14.68
CA LEU B 118 -0.04 6.34 14.70
C LEU B 118 -0.51 6.02 13.30
N ILE B 119 -1.54 5.18 13.21
CA ILE B 119 -2.09 4.75 11.93
C ILE B 119 -3.60 4.95 11.94
N VAL B 120 -4.13 5.64 10.93
CA VAL B 120 -5.58 5.75 10.80
C VAL B 120 -6.00 5.05 9.53
N THR B 121 -6.83 4.03 9.65
CA THR B 121 -7.28 3.28 8.48
C THR B 121 -8.74 3.51 8.18
N ARG B 122 -9.15 3.16 6.96
CA ARG B 122 -10.53 3.28 6.53
C ARG B 122 -11.47 2.47 7.44
N GLY B 123 -10.97 1.39 8.01
CA GLY B 123 -11.78 0.56 8.91
C GLY B 123 -12.11 -0.79 8.29
N LEU B 124 -13.17 -1.44 8.80
CA LEU B 124 -13.49 -2.79 8.38
C LEU B 124 -14.33 -2.85 7.11
N LYS B 125 -14.75 -1.70 6.61
CA LYS B 125 -15.53 -1.63 5.37
C LYS B 125 -14.82 -0.73 4.38
N GLY B 126 -14.66 -1.23 3.16
CA GLY B 126 -13.96 -0.49 2.13
C GLY B 126 -14.81 0.60 1.52
N VAL B 127 -14.16 1.50 0.81
CA VAL B 127 -14.83 2.58 0.10
C VAL B 127 -15.77 2.04 -0.97
N ARG B 128 -15.31 1.04 -1.72
CA ARG B 128 -16.10 0.51 -2.82
C ARG B 128 -17.36 -0.19 -2.29
N GLY B 129 -18.52 0.29 -2.72
CA GLY B 129 -19.78 -0.38 -2.44
C GLY B 129 -20.35 -0.18 -1.04
N THR B 130 -19.75 0.73 -0.28
CA THR B 130 -20.22 0.99 1.08
C THR B 130 -20.84 2.38 1.17
N ARG B 131 -21.98 2.49 1.85
CA ARG B 131 -22.52 3.80 2.17
C ARG B 131 -21.51 4.55 3.01
N PRO B 132 -21.16 5.78 2.59
CA PRO B 132 -20.15 6.59 3.29
C PRO B 132 -20.45 6.74 4.78
N GLU B 133 -21.72 6.71 5.14
CA GLU B 133 -22.12 6.84 6.54
C GLU B 133 -21.92 5.54 7.33
N ASP B 134 -21.67 4.44 6.63
CA ASP B 134 -21.40 3.16 7.29
C ASP B 134 -19.91 2.94 7.52
N ILE B 135 -19.09 3.86 7.01
CA ILE B 135 -17.64 3.73 7.16
C ILE B 135 -17.22 4.23 8.54
N VAL B 136 -16.46 3.40 9.24
CA VAL B 136 -15.96 3.73 10.57
C VAL B 136 -14.46 3.51 10.60
N ASN B 137 -13.70 4.60 10.68
CA ASN B 137 -12.25 4.51 10.61
C ASN B 137 -11.67 3.90 11.89
N ASN B 138 -10.51 3.26 11.75
CA ASN B 138 -9.82 2.63 12.89
C ASN B 138 -8.51 3.32 13.20
N LEU B 139 -8.13 3.26 14.48
CA LEU B 139 -6.87 3.83 14.97
C LEU B 139 -5.98 2.73 15.57
N TYR B 140 -4.70 2.75 15.19
CA TYR B 140 -3.68 1.89 15.82
C TYR B 140 -2.51 2.76 16.22
N MET B 141 -1.94 2.52 17.40
CA MET B 141 -0.77 3.30 17.81
C MET B 141 0.26 2.36 18.42
N PHE B 142 1.54 2.66 18.21
CA PHE B 142 2.54 1.92 18.96
C PHE B 142 3.78 2.74 19.24
N VAL B 143 4.50 2.29 20.26
CA VAL B 143 5.77 2.90 20.70
C VAL B 143 6.80 1.79 20.70
N GLN B 144 7.94 2.02 20.04
CA GLN B 144 9.02 1.02 20.07
C GLN B 144 10.35 1.73 20.23
N PRO B 145 11.43 0.99 20.54
CA PRO B 145 12.73 1.63 20.66
C PRO B 145 13.10 2.37 19.37
N TYR B 146 13.77 3.50 19.54
CA TYR B 146 14.17 4.36 18.44
C TYR B 146 14.79 3.57 17.30
N VAL B 147 14.35 3.85 16.08
CA VAL B 147 14.79 3.18 14.85
C VAL B 147 15.79 4.05 14.11
N TRP B 148 16.91 3.46 13.67
CA TRP B 148 17.93 4.17 12.88
C TRP B 148 17.93 3.77 11.41
N VAL B 149 17.54 4.69 10.52
CA VAL B 149 17.68 4.45 9.09
C VAL B 149 19.17 4.46 8.73
N MET B 150 19.95 5.20 9.52
CA MET B 150 21.42 5.14 9.49
C MET B 150 21.90 5.02 10.93
N GLU B 151 22.61 3.95 11.24
CA GLU B 151 23.09 3.72 12.59
C GLU B 151 24.16 4.74 12.97
N PRO B 152 24.30 5.01 14.29
CA PRO B 152 25.28 5.98 14.78
C PRO B 152 26.69 5.82 14.22
N ASP B 153 27.24 4.60 14.22
CA ASP B 153 28.58 4.39 13.66
C ASP B 153 28.70 4.88 12.22
N MET B 154 27.66 4.66 11.42
CA MET B 154 27.71 5.06 10.01
C MET B 154 27.51 6.57 9.86
N GLN B 155 26.72 7.18 10.74
CA GLN B 155 26.56 8.63 10.68
C GLN B 155 27.89 9.35 10.88
N ARG B 156 28.82 8.72 11.58
CA ARG B 156 30.14 9.32 11.82
C ARG B 156 30.99 9.41 10.55
N VAL B 157 30.72 8.55 9.57
CA VAL B 157 31.52 8.55 8.35
C VAL B 157 30.70 8.83 7.10
N GLY B 158 29.37 8.77 7.22
CA GLY B 158 28.49 8.92 6.09
C GLY B 158 28.22 7.61 5.37
N GLY B 159 27.09 7.54 4.68
CA GLY B 159 26.69 6.33 3.99
C GLY B 159 26.78 6.44 2.48
N SER B 160 26.31 5.40 1.81
CA SER B 160 26.45 5.23 0.37
C SER B 160 25.08 5.25 -0.29
N ALA B 161 24.90 6.11 -1.29
CA ALA B 161 23.63 6.24 -1.97
C ALA B 161 23.78 6.04 -3.45
N VAL B 162 22.68 5.69 -4.12
CA VAL B 162 22.65 5.73 -5.59
C VAL B 162 21.43 6.52 -6.04
N VAL B 163 21.54 7.17 -7.18
CA VAL B 163 20.33 7.69 -7.81
C VAL B 163 19.70 6.51 -8.54
N ALA B 164 18.48 6.15 -8.15
CA ALA B 164 17.87 4.93 -8.68
C ALA B 164 17.60 5.05 -10.18
N ARG B 165 17.88 3.99 -10.91
CA ARG B 165 17.66 3.98 -12.36
C ARG B 165 16.62 2.94 -12.79
N THR B 166 16.25 2.03 -11.88
CA THR B 166 15.28 0.99 -12.23
C THR B 166 13.87 1.30 -11.72
N VAL B 167 13.73 2.42 -11.00
CA VAL B 167 12.48 2.80 -10.38
C VAL B 167 12.48 4.32 -10.20
N ARG B 168 11.29 4.93 -10.21
CA ARG B 168 11.18 6.35 -9.89
C ARG B 168 10.03 6.52 -8.90
N ARG B 169 9.93 7.70 -8.29
CA ARG B 169 8.93 7.93 -7.25
C ARG B 169 7.52 7.96 -7.83
N VAL B 170 6.56 7.38 -7.12
CA VAL B 170 5.16 7.53 -7.51
C VAL B 170 4.84 9.03 -7.62
N PRO B 171 4.27 9.47 -8.76
CA PRO B 171 4.00 10.90 -8.93
C PRO B 171 2.78 11.39 -8.14
N PRO B 172 2.73 12.68 -7.81
CA PRO B 172 1.67 13.20 -6.93
C PRO B 172 0.26 13.06 -7.50
N GLY B 173 0.13 13.05 -8.81
CA GLY B 173 -1.17 12.90 -9.45
C GLY B 173 -1.65 11.45 -9.46
N ALA B 174 -0.83 10.53 -8.94
CA ALA B 174 -1.26 9.16 -8.69
C ALA B 174 -1.50 8.94 -7.20
N ILE B 175 -0.47 9.18 -6.40
CA ILE B 175 -0.58 9.14 -4.94
C ILE B 175 0.10 10.38 -4.40
N ASP B 176 -0.60 11.14 -3.57
CA ASP B 176 -0.07 12.39 -3.02
C ASP B 176 1.01 12.12 -1.96
N PRO B 177 2.29 12.45 -2.27
CA PRO B 177 3.37 12.11 -1.33
C PRO B 177 3.36 12.99 -0.09
N THR B 178 2.56 14.05 -0.09
CA THR B 178 2.43 14.84 1.15
C THR B 178 1.52 14.15 2.16
N VAL B 179 0.79 13.14 1.69
CA VAL B 179 -0.01 12.28 2.55
C VAL B 179 0.87 11.10 2.94
N LYS B 180 1.34 11.10 4.18
N LYS B 180 1.33 11.07 4.19
CA LYS B 180 2.25 10.05 4.61
CA LYS B 180 2.34 10.06 4.60
C LYS B 180 1.52 8.74 4.41
C LYS B 180 1.65 8.68 4.59
N ASN B 181 2.17 7.78 3.78
CA ASN B 181 1.50 6.52 3.51
C ASN B 181 2.43 5.34 3.47
N LEU B 182 1.83 4.16 3.51
CA LEU B 182 2.59 2.93 3.66
C LEU B 182 2.61 2.14 2.37
N GLN B 183 2.27 2.82 1.26
CA GLN B 183 2.31 2.18 -0.05
C GLN B 183 3.72 2.35 -0.63
N TRP B 184 4.61 1.45 -0.20
CA TRP B 184 6.03 1.59 -0.44
C TRP B 184 6.58 0.80 -1.64
N GLY B 185 5.73 0.50 -2.61
CA GLY B 185 6.16 -0.33 -3.73
C GLY B 185 7.41 0.17 -4.41
N ASP B 186 7.44 1.48 -4.70
CA ASP B 186 8.60 2.09 -5.35
C ASP B 186 9.80 2.18 -4.40
N LEU B 187 9.53 2.48 -3.14
CA LEU B 187 10.62 2.66 -2.18
C LEU B 187 11.32 1.33 -1.89
N VAL B 188 10.54 0.25 -1.82
CA VAL B 188 11.12 -1.09 -1.64
C VAL B 188 11.95 -1.48 -2.87
N ARG B 189 11.44 -1.18 -4.06
CA ARG B 189 12.22 -1.39 -5.28
C ARG B 189 13.55 -0.64 -5.21
N GLY B 190 13.50 0.59 -4.71
CA GLY B 190 14.71 1.40 -4.54
C GLY B 190 15.71 0.75 -3.59
N MET B 191 15.20 0.20 -2.48
CA MET B 191 16.09 -0.44 -1.53
C MET B 191 16.77 -1.65 -2.14
N PHE B 192 16.02 -2.42 -2.93
CA PHE B 192 16.61 -3.59 -3.59
C PHE B 192 17.65 -3.15 -4.61
N GLU B 193 17.35 -2.08 -5.35
CA GLU B 193 18.28 -1.60 -6.34
C GLU B 193 19.58 -1.14 -5.68
N ALA B 194 19.48 -0.37 -4.61
CA ALA B 194 20.66 0.13 -3.91
C ALA B 194 21.55 -1.04 -3.51
N ALA B 195 20.94 -2.06 -2.92
CA ALA B 195 21.67 -3.23 -2.46
C ALA B 195 22.32 -3.96 -3.61
N ASP B 196 21.57 -4.13 -4.71
CA ASP B 196 22.11 -4.77 -5.90
C ASP B 196 23.36 -4.07 -6.40
N ARG B 197 23.38 -2.74 -6.22
CA ARG B 197 24.45 -1.89 -6.72
C ARG B 197 25.54 -1.63 -5.67
N GLY B 198 25.47 -2.34 -4.55
CA GLY B 198 26.52 -2.24 -3.55
C GLY B 198 26.44 -0.99 -2.68
N ALA B 199 25.26 -0.38 -2.63
CA ALA B 199 25.01 0.79 -1.80
C ALA B 199 23.88 0.52 -0.83
N THR B 200 23.49 1.53 -0.07
CA THR B 200 22.45 1.34 0.94
C THR B 200 21.20 2.15 0.67
N TYR B 201 21.37 3.40 0.26
CA TYR B 201 20.24 4.35 0.16
C TYR B 201 19.87 4.72 -1.25
N PRO B 202 18.59 4.54 -1.61
CA PRO B 202 18.19 5.00 -2.94
C PRO B 202 17.64 6.43 -2.94
N PHE B 203 18.08 7.22 -3.91
CA PHE B 203 17.48 8.53 -4.19
C PHE B 203 16.59 8.38 -5.41
N LEU B 204 15.29 8.60 -5.28
CA LEU B 204 14.41 8.39 -6.44
C LEU B 204 14.16 9.70 -7.17
N THR B 205 14.13 9.64 -8.50
CA THR B 205 13.80 10.81 -9.29
C THR B 205 12.29 10.92 -9.47
N ASP B 206 11.85 12.02 -10.07
CA ASP B 206 10.45 12.21 -10.41
C ASP B 206 10.16 11.66 -11.81
N GLY B 207 11.12 10.91 -12.33
CA GLY B 207 11.03 10.39 -13.68
C GLY B 207 10.95 11.52 -14.68
N ASP B 208 11.58 12.64 -14.31
CA ASP B 208 11.62 13.82 -15.18
C ASP B 208 12.86 14.65 -14.86
N ALA B 209 13.93 13.94 -14.49
CA ALA B 209 15.28 14.51 -14.32
C ALA B 209 15.44 15.38 -13.07
N HIS B 210 14.51 15.25 -12.13
CA HIS B 210 14.63 15.98 -10.86
C HIS B 210 14.52 15.03 -9.68
N LEU B 211 15.14 15.41 -8.56
CA LEU B 211 15.16 14.56 -7.38
C LEU B 211 13.88 14.67 -6.58
N THR B 212 13.51 13.59 -5.89
CA THR B 212 12.40 13.65 -4.94
C THR B 212 12.89 13.27 -3.56
N GLU B 213 12.64 12.03 -3.14
CA GLU B 213 13.02 11.59 -1.80
C GLU B 213 13.47 10.13 -1.88
N GLY B 214 13.75 9.53 -0.73
CA GLY B 214 14.14 8.12 -0.70
C GLY B 214 13.24 7.28 0.17
N SER B 215 13.75 6.08 0.49
CA SER B 215 13.00 5.09 1.25
C SER B 215 12.95 5.44 2.73
N GLY B 216 12.14 6.44 3.07
CA GLY B 216 11.99 6.84 4.46
C GLY B 216 12.76 8.09 4.87
N PHE B 217 13.08 8.96 3.92
CA PHE B 217 13.85 10.16 4.24
C PHE B 217 13.72 11.21 3.14
N ASN B 218 13.91 12.47 3.52
CA ASN B 218 14.10 13.53 2.54
C ASN B 218 15.57 13.67 2.18
N ILE B 219 15.84 14.37 1.08
CA ILE B 219 17.20 14.54 0.55
C ILE B 219 17.58 16.00 0.56
N VAL B 220 18.76 16.33 1.08
CA VAL B 220 19.26 17.70 1.06
C VAL B 220 20.63 17.76 0.40
N LEU B 221 20.80 18.67 -0.56
CA LEU B 221 22.11 18.89 -1.18
C LEU B 221 22.68 20.22 -0.70
N VAL B 222 24.01 20.28 -0.55
CA VAL B 222 24.69 21.50 -0.15
C VAL B 222 25.64 21.92 -1.27
N LYS B 223 25.50 23.15 -1.75
CA LYS B 223 26.36 23.67 -2.79
C LYS B 223 26.66 25.14 -2.56
N ASP B 224 27.94 25.47 -2.47
CA ASP B 224 28.40 26.85 -2.26
C ASP B 224 27.66 27.54 -1.12
N GLY B 225 27.52 26.81 -0.01
CA GLY B 225 26.98 27.39 1.21
C GLY B 225 25.46 27.48 1.27
N VAL B 226 24.79 26.87 0.30
CA VAL B 226 23.34 26.93 0.18
C VAL B 226 22.77 25.51 0.25
N LEU B 227 21.66 25.33 0.98
CA LEU B 227 20.96 24.05 1.01
C LEU B 227 19.88 24.02 -0.07
N TYR B 228 19.77 22.87 -0.72
CA TYR B 228 18.74 22.64 -1.76
C TYR B 228 17.94 21.40 -1.39
N THR B 229 16.62 21.47 -1.44
CA THR B 229 15.84 20.27 -1.18
C THR B 229 14.54 20.31 -2.00
N PRO B 230 14.14 19.16 -2.57
CA PRO B 230 12.96 19.15 -3.45
C PRO B 230 11.69 19.68 -2.77
N ASP B 231 10.91 20.45 -3.52
CA ASP B 231 9.64 20.97 -3.01
C ASP B 231 8.52 19.98 -3.31
N ARG B 232 8.36 19.68 -4.58
CA ARG B 232 7.28 18.84 -5.07
C ARG B 232 7.66 17.36 -5.07
N GLY B 233 6.66 16.49 -4.90
CA GLY B 233 6.89 15.06 -5.07
C GLY B 233 7.40 14.34 -3.83
N VAL B 234 7.36 15.03 -2.69
CA VAL B 234 7.95 14.48 -1.47
C VAL B 234 7.08 14.73 -0.25
N LEU B 235 7.30 13.94 0.78
CA LEU B 235 6.75 14.26 2.09
C LEU B 235 7.36 15.55 2.61
N GLN B 236 6.54 16.40 3.22
CA GLN B 236 7.07 17.61 3.84
C GLN B 236 7.54 17.24 5.24
N GLY B 237 8.76 16.72 5.31
CA GLY B 237 9.25 16.13 6.54
C GLY B 237 9.35 17.10 7.71
N VAL B 238 9.12 16.59 8.92
CA VAL B 238 9.31 17.40 10.11
C VAL B 238 10.80 17.55 10.39
N THR B 239 11.60 16.55 10.00
CA THR B 239 13.06 16.71 10.15
C THR B 239 13.53 17.79 9.19
N ARG B 240 13.02 17.74 7.96
CA ARG B 240 13.35 18.76 6.97
C ARG B 240 12.94 20.15 7.48
N LYS B 241 11.77 20.24 8.11
CA LYS B 241 11.30 21.49 8.70
C LYS B 241 12.30 21.97 9.76
N SER B 242 12.80 21.03 10.56
CA SER B 242 13.77 21.33 11.60
C SER B 242 15.11 21.76 11.03
N VAL B 243 15.53 21.13 9.94
CA VAL B 243 16.73 21.55 9.21
C VAL B 243 16.62 22.99 8.76
N ILE B 244 15.44 23.35 8.25
CA ILE B 244 15.18 24.73 7.84
C ILE B 244 15.26 25.69 9.02
N ASN B 245 14.65 25.32 10.15
CA ASN B 245 14.77 26.11 11.38
C ASN B 245 16.23 26.34 11.77
N ALA B 246 17.02 25.26 11.77
CA ALA B 246 18.41 25.36 12.17
C ALA B 246 19.18 26.23 11.16
N ALA B 247 18.95 26.00 9.88
CA ALA B 247 19.64 26.78 8.85
C ALA B 247 19.35 28.27 8.99
N GLU B 248 18.09 28.61 9.24
CA GLU B 248 17.73 30.01 9.38
C GLU B 248 18.40 30.62 10.62
N ALA B 249 18.47 29.86 11.70
CA ALA B 249 19.16 30.33 12.90
C ALA B 249 20.64 30.59 12.64
N PHE B 250 21.22 29.83 11.71
CA PHE B 250 22.64 29.90 11.41
C PHE B 250 22.95 30.84 10.23
N GLY B 251 21.91 31.39 9.63
CA GLY B 251 22.09 32.30 8.50
C GLY B 251 22.45 31.60 7.21
N ILE B 252 22.03 30.34 7.10
CA ILE B 252 22.26 29.54 5.90
C ILE B 252 21.01 29.51 5.04
N GLU B 253 21.15 29.88 3.76
CA GLU B 253 20.00 29.89 2.87
C GLU B 253 19.56 28.47 2.54
N VAL B 254 18.24 28.24 2.56
CA VAL B 254 17.66 26.97 2.14
C VAL B 254 16.71 27.22 0.99
N ARG B 255 16.93 26.53 -0.12
CA ARG B 255 16.01 26.64 -1.25
C ARG B 255 15.22 25.35 -1.37
N VAL B 256 13.90 25.48 -1.16
CA VAL B 256 12.97 24.38 -1.31
C VAL B 256 12.32 24.57 -2.67
N GLU B 257 12.78 23.79 -3.65
CA GLU B 257 12.50 24.10 -5.05
C GLU B 257 12.77 22.86 -5.89
N PHE B 258 12.61 22.96 -7.21
CA PHE B 258 12.96 21.83 -8.05
C PHE B 258 14.47 21.66 -8.10
N VAL B 259 14.90 20.45 -7.79
CA VAL B 259 16.33 20.13 -7.69
C VAL B 259 16.71 19.17 -8.80
N PRO B 260 17.45 19.66 -9.80
CA PRO B 260 17.81 18.78 -10.91
C PRO B 260 18.73 17.67 -10.41
N VAL B 261 18.56 16.47 -10.98
CA VAL B 261 19.42 15.35 -10.65
C VAL B 261 20.91 15.70 -10.78
N GLU B 262 21.27 16.51 -11.77
CA GLU B 262 22.69 16.83 -12.00
C GLU B 262 23.35 17.48 -10.78
N LEU B 263 22.58 18.21 -9.98
CA LEU B 263 23.17 18.90 -8.83
C LEU B 263 23.77 17.90 -7.83
N ALA B 264 23.21 16.70 -7.77
CA ALA B 264 23.70 15.69 -6.84
C ALA B 264 25.12 15.26 -7.17
N TYR B 265 25.51 15.41 -8.43
CA TYR B 265 26.84 15.01 -8.88
C TYR B 265 27.86 16.13 -8.79
N ARG B 266 27.41 17.35 -8.49
CA ARG B 266 28.37 18.45 -8.41
C ARG B 266 28.26 19.26 -7.12
N CYS B 267 27.54 18.73 -6.14
CA CYS B 267 27.40 19.47 -4.88
C CYS B 267 28.56 19.19 -3.91
N ASP B 268 28.62 20.00 -2.86
CA ASP B 268 29.71 19.94 -1.88
C ASP B 268 29.45 18.95 -0.76
N GLU B 269 28.17 18.78 -0.40
CA GLU B 269 27.76 17.87 0.66
C GLU B 269 26.38 17.31 0.36
N ILE B 270 26.08 16.16 0.94
CA ILE B 270 24.76 15.55 0.83
C ILE B 270 24.37 15.00 2.18
N PHE B 271 23.13 15.22 2.61
CA PHE B 271 22.63 14.44 3.73
C PHE B 271 21.15 14.12 3.56
N MET B 272 20.73 13.06 4.24
CA MET B 272 19.34 12.65 4.28
C MET B 272 18.78 13.10 5.62
N CYS B 273 17.47 13.23 5.71
CA CYS B 273 16.89 13.54 7.02
C CYS B 273 15.56 12.85 7.22
N THR B 274 15.32 12.42 8.46
CA THR B 274 14.14 11.65 8.79
C THR B 274 14.00 11.57 10.29
N THR B 275 12.78 11.36 10.76
CA THR B 275 12.57 11.14 12.20
C THR B 275 13.30 9.89 12.68
N ALA B 276 13.32 8.85 11.85
CA ALA B 276 13.97 7.61 12.23
C ALA B 276 15.46 7.65 11.95
N GLY B 277 16.17 8.54 12.65
CA GLY B 277 17.63 8.57 12.54
C GLY B 277 18.20 9.97 12.58
N GLY B 278 17.40 10.96 12.20
CA GLY B 278 17.82 12.34 12.24
C GLY B 278 18.53 12.82 10.99
N ILE B 279 19.77 13.28 11.16
CA ILE B 279 20.55 13.88 10.09
C ILE B 279 21.60 12.85 9.65
N MET B 280 21.50 12.39 8.42
CA MET B 280 22.26 11.21 7.98
C MET B 280 23.14 11.55 6.76
N PRO B 281 24.44 11.79 7.01
CA PRO B 281 25.31 12.22 5.90
C PRO B 281 25.50 11.15 4.83
N ILE B 282 25.61 11.59 3.58
CA ILE B 282 25.94 10.69 2.46
C ILE B 282 27.29 11.11 1.90
N THR B 283 28.27 10.19 1.91
CA THR B 283 29.63 10.55 1.50
C THR B 283 30.11 9.77 0.27
N THR B 284 29.27 8.84 -0.20
CA THR B 284 29.49 8.14 -1.47
C THR B 284 28.20 8.17 -2.29
N LEU B 285 28.29 8.57 -3.55
CA LEU B 285 27.13 8.58 -4.45
C LEU B 285 27.49 7.89 -5.75
N ASP B 286 26.70 6.90 -6.14
CA ASP B 286 26.96 6.11 -7.35
C ASP B 286 28.42 5.61 -7.37
N GLY B 287 28.89 5.18 -6.19
CA GLY B 287 30.21 4.59 -6.06
C GLY B 287 31.37 5.57 -6.04
N MET B 288 31.07 6.87 -6.08
CA MET B 288 32.09 7.92 -6.11
C MET B 288 32.05 8.74 -4.82
N PRO B 289 33.22 9.16 -4.31
CA PRO B 289 33.18 10.02 -3.12
C PRO B 289 32.45 11.33 -3.39
N VAL B 290 31.72 11.83 -2.40
CA VAL B 290 31.07 13.12 -2.51
C VAL B 290 32.06 14.18 -2.06
N ASN B 291 32.60 14.94 -3.01
CA ASN B 291 33.51 16.05 -2.69
C ASN B 291 34.60 15.68 -1.68
N GLY B 292 35.28 14.57 -1.93
CA GLY B 292 36.36 14.14 -1.03
C GLY B 292 35.98 13.05 -0.05
N GLY B 293 34.69 12.83 0.16
CA GLY B 293 34.23 11.69 0.93
C GLY B 293 34.16 11.86 2.43
N GLN B 294 34.36 13.10 2.90
CA GLN B 294 34.23 13.40 4.32
C GLN B 294 32.91 14.09 4.60
N ILE B 295 32.39 13.93 5.81
CA ILE B 295 31.23 14.70 6.23
C ILE B 295 31.56 16.18 6.22
N GLY B 296 30.66 16.98 5.64
CA GLY B 296 30.96 18.38 5.38
C GLY B 296 30.61 19.29 6.54
N PRO B 297 31.13 20.54 6.50
CA PRO B 297 30.98 21.47 7.62
C PRO B 297 29.54 21.91 7.84
N ILE B 298 28.78 22.11 6.76
CA ILE B 298 27.41 22.57 6.96
C ILE B 298 26.55 21.42 7.48
N THR B 299 26.79 20.21 6.97
CA THR B 299 26.12 19.02 7.49
C THR B 299 26.34 18.91 9.00
N LYS B 300 27.58 19.12 9.44
CA LYS B 300 27.88 19.03 10.87
C LYS B 300 27.13 20.09 11.68
N LYS B 301 27.04 21.31 11.14
CA LYS B 301 26.32 22.38 11.81
C LYS B 301 24.85 22.03 11.96
N ILE B 302 24.25 21.53 10.87
CA ILE B 302 22.85 21.13 10.90
C ILE B 302 22.63 19.94 11.85
N TRP B 303 23.56 18.99 11.82
CA TRP B 303 23.50 17.83 12.71
C TRP B 303 23.40 18.29 14.17
N ASP B 304 24.33 19.14 14.58
CA ASP B 304 24.35 19.65 15.95
C ASP B 304 23.09 20.46 16.28
N GLY B 305 22.68 21.30 15.33
CA GLY B 305 21.51 22.14 15.54
C GLY B 305 20.25 21.32 15.73
N TYR B 306 20.11 20.27 14.92
CA TYR B 306 18.95 19.41 14.97
C TYR B 306 18.81 18.79 16.36
N TRP B 307 19.90 18.22 16.87
CA TRP B 307 19.79 17.56 18.17
C TRP B 307 19.64 18.57 19.31
N ALA B 308 20.19 19.78 19.15
CA ALA B 308 20.01 20.82 20.16
C ALA B 308 18.52 21.17 20.32
N MET B 309 17.78 21.12 19.20
CA MET B 309 16.36 21.48 19.22
C MET B 309 15.55 20.53 20.10
N HIS B 310 16.10 19.34 20.35
CA HIS B 310 15.37 18.34 21.13
C HIS B 310 15.29 18.70 22.61
N TYR B 311 15.98 19.78 22.97
CA TYR B 311 15.99 20.25 24.36
C TYR B 311 15.40 21.64 24.49
N ASP B 312 14.87 22.14 23.38
CA ASP B 312 14.27 23.47 23.32
C ASP B 312 12.77 23.31 23.56
N ALA B 313 12.23 24.03 24.54
CA ALA B 313 10.82 23.93 24.88
C ALA B 313 9.91 24.27 23.70
N ALA B 314 10.42 25.05 22.76
CA ALA B 314 9.62 25.42 21.59
C ALA B 314 9.38 24.23 20.68
N TYR B 315 10.22 23.20 20.80
CA TYR B 315 10.13 22.05 19.91
C TYR B 315 9.98 20.70 20.60
N SER B 316 9.90 20.71 21.92
CA SER B 316 9.94 19.46 22.68
C SER B 316 9.34 19.63 24.07
N PHE B 317 8.93 18.53 24.68
CA PHE B 317 8.55 18.58 26.09
C PHE B 317 8.94 17.30 26.81
N GLU B 318 9.22 17.45 28.10
CA GLU B 318 9.62 16.33 28.95
C GLU B 318 8.44 15.47 29.35
N ILE B 319 8.59 14.16 29.18
CA ILE B 319 7.61 13.17 29.64
C ILE B 319 7.85 12.75 31.07
N ASP B 320 6.76 12.66 31.83
CA ASP B 320 6.78 12.17 33.21
C ASP B 320 6.69 10.64 33.23
N TYR B 321 7.78 9.97 33.56
CA TYR B 321 7.79 8.51 33.61
C TYR B 321 7.39 7.96 34.97
N ASN B 322 7.16 8.85 35.92
CA ASN B 322 6.88 8.43 37.29
C ASN B 322 5.57 7.67 37.41
N GLU B 323 5.49 6.83 38.43
CA GLU B 323 4.39 5.88 38.54
C GLU B 323 3.67 5.95 39.88
N ARG B 324 2.54 6.68 39.97
CA ARG B 324 1.98 7.60 38.98
C ARG B 324 1.11 8.54 39.81
N ASN B 325 0.68 9.70 39.29
CA ASN B 325 0.89 10.17 37.92
C ASN B 325 2.27 10.75 37.71
#